data_7C1I
#
_entry.id   7C1I
#
_cell.length_a   119.172
_cell.length_b   119.172
_cell.length_c   171.950
_cell.angle_alpha   90.00
_cell.angle_beta   90.00
_cell.angle_gamma   90.00
#
_symmetry.space_group_name_H-M   'P 43 21 2'
#
loop_
_entity.id
_entity.type
_entity.pdbx_description
1 polymer 'Histidine kinase'
2 water water
#
_entity_poly.entity_id   1
_entity_poly.type   'polypeptide(L)'
_entity_poly.pdbx_seq_one_letter_code
;MSAPHLDDRVLASLQEVMEDEYPVLLDTFVLDSEERLRSLHAALQAGDAQALRHTAHSFKGGSSNMGAVLLAGYCKELEE
SARRGELQRAPALIEQMEREFAIVRILFKQERQRYR
;
_entity_poly.pdbx_strand_id   A,B,C,D,E,F
#
# COMPACT_ATOMS: atom_id res chain seq x y z
N SER A 2 -1.93 -14.41 3.91
CA SER A 2 -1.12 -15.53 3.33
C SER A 2 -1.62 -16.85 3.91
N ALA A 3 -1.14 -17.36 5.04
CA ALA A 3 -1.41 -18.75 5.49
C ALA A 3 -2.82 -18.74 6.08
N PRO A 4 -3.63 -19.83 6.03
CA PRO A 4 -3.27 -21.13 5.46
C PRO A 4 -3.48 -21.25 3.94
N HIS A 5 -3.88 -20.18 3.26
CA HIS A 5 -4.31 -20.15 1.83
C HIS A 5 -3.09 -20.30 0.91
N LEU A 6 -1.98 -19.67 1.31
CA LEU A 6 -0.74 -19.72 0.48
C LEU A 6 0.39 -20.24 1.37
N ASP A 7 1.19 -21.18 0.86
CA ASP A 7 2.36 -21.70 1.61
C ASP A 7 3.53 -20.80 1.18
N ASP A 8 4.00 -20.08 2.20
N ASP A 8 3.84 -19.78 1.99
CA ASP A 8 4.98 -18.98 2.06
CA ASP A 8 4.66 -18.61 1.56
C ASP A 8 6.29 -19.63 1.59
C ASP A 8 6.06 -19.03 1.11
N ARG A 9 6.55 -20.89 1.95
N ARG A 9 6.48 -20.17 1.67
CA ARG A 9 7.94 -21.29 1.62
CA ARG A 9 7.85 -20.66 1.36
C ARG A 9 7.99 -21.80 0.18
C ARG A 9 7.83 -21.31 -0.01
N VAL A 10 6.83 -22.11 -0.41
CA VAL A 10 6.74 -22.53 -1.84
C VAL A 10 6.93 -21.24 -2.65
N LEU A 11 6.22 -20.17 -2.32
CA LEU A 11 6.29 -18.94 -3.15
C LEU A 11 7.63 -18.23 -2.94
N ALA A 12 8.20 -18.33 -1.73
CA ALA A 12 9.47 -17.62 -1.47
C ALA A 12 10.53 -18.28 -2.37
N SER A 13 10.56 -19.62 -2.40
CA SER A 13 11.49 -20.31 -3.32
C SER A 13 11.25 -19.97 -4.79
N LEU A 14 9.99 -19.93 -5.24
CA LEU A 14 9.65 -19.62 -6.66
C LEU A 14 10.10 -18.19 -7.03
N GLN A 15 9.88 -17.23 -6.14
N GLN A 15 9.92 -17.21 -6.15
CA GLN A 15 10.32 -15.82 -6.32
CA GLN A 15 10.33 -15.83 -6.55
C GLN A 15 11.83 -15.80 -6.54
C GLN A 15 11.85 -15.75 -6.51
N GLU A 16 12.54 -16.45 -5.61
CA GLU A 16 14.03 -16.48 -5.62
C GLU A 16 14.49 -17.02 -6.98
N VAL A 17 13.89 -18.12 -7.45
CA VAL A 17 14.34 -18.72 -8.75
C VAL A 17 13.94 -17.80 -9.90
N MET A 18 12.66 -17.41 -9.89
N MET A 18 12.68 -17.36 -9.89
CA MET A 18 12.03 -16.81 -11.09
CA MET A 18 12.08 -16.82 -11.14
C MET A 18 12.45 -15.36 -11.30
C MET A 18 12.41 -15.33 -11.30
N GLU A 19 12.78 -14.66 -10.21
CA GLU A 19 13.07 -13.20 -10.24
C GLU A 19 12.03 -12.43 -11.05
N ASP A 20 12.44 -11.86 -12.20
N ASP A 20 12.40 -11.85 -12.20
CA ASP A 20 11.57 -10.92 -12.97
CA ASP A 20 11.48 -10.90 -12.88
C ASP A 20 10.29 -11.61 -13.49
C ASP A 20 10.27 -11.61 -13.51
N GLU A 21 10.31 -12.94 -13.64
CA GLU A 21 9.18 -13.69 -14.25
C GLU A 21 8.12 -13.95 -13.16
N TYR A 22 8.53 -13.74 -11.90
CA TYR A 22 7.58 -13.95 -10.78
C TYR A 22 6.26 -13.21 -10.96
N PRO A 23 6.20 -11.90 -11.26
CA PRO A 23 4.89 -11.25 -11.44
C PRO A 23 4.08 -11.85 -12.60
N VAL A 24 4.75 -12.29 -13.67
CA VAL A 24 4.06 -12.87 -14.87
C VAL A 24 3.33 -14.14 -14.44
N LEU A 25 3.97 -14.92 -13.55
CA LEU A 25 3.44 -16.20 -13.03
C LEU A 25 2.21 -15.89 -12.15
N LEU A 26 2.29 -14.85 -11.33
CA LEU A 26 1.04 -14.48 -10.58
C LEU A 26 -0.10 -14.27 -11.57
N ASP A 27 0.08 -13.44 -12.62
CA ASP A 27 -0.93 -13.04 -13.63
C ASP A 27 -1.42 -14.33 -14.30
N THR A 28 -0.51 -15.15 -14.84
N THR A 28 -0.44 -15.16 -14.67
CA THR A 28 -0.97 -16.33 -15.63
CA THR A 28 -0.76 -16.33 -15.51
C THR A 28 -1.61 -17.38 -14.73
C THR A 28 -1.68 -17.26 -14.70
N PHE A 29 -1.30 -17.42 -13.43
CA PHE A 29 -2.01 -18.36 -12.51
C PHE A 29 -3.47 -17.91 -12.44
N VAL A 30 -3.68 -16.60 -12.36
CA VAL A 30 -5.09 -16.06 -12.29
C VAL A 30 -5.81 -16.50 -13.56
N LEU A 31 -5.28 -16.18 -14.75
CA LEU A 31 -6.00 -16.47 -16.03
C LEU A 31 -6.14 -17.99 -16.18
N ASP A 32 -5.10 -18.79 -15.89
CA ASP A 32 -5.17 -20.26 -16.08
C ASP A 32 -6.33 -20.75 -15.20
N SER A 33 -6.31 -20.36 -13.92
CA SER A 33 -7.28 -20.84 -12.91
C SER A 33 -8.69 -20.45 -13.36
N GLU A 34 -8.95 -19.20 -13.77
CA GLU A 34 -10.28 -18.73 -14.23
C GLU A 34 -10.69 -19.67 -15.37
N GLU A 35 -9.71 -20.20 -16.09
N GLU A 35 -9.89 -19.90 -16.41
CA GLU A 35 -9.94 -21.10 -17.26
CA GLU A 35 -10.35 -20.75 -17.55
C GLU A 35 -10.24 -22.49 -16.69
C GLU A 35 -10.69 -22.15 -17.02
N ARG A 36 -9.51 -23.00 -15.69
N ARG A 36 -9.94 -22.69 -16.06
CA ARG A 36 -9.90 -24.27 -15.04
CA ARG A 36 -10.21 -24.06 -15.53
C ARG A 36 -11.37 -24.14 -14.64
C ARG A 36 -11.47 -24.15 -14.67
N LEU A 37 -11.72 -23.07 -13.92
CA LEU A 37 -13.05 -22.98 -13.27
C LEU A 37 -14.13 -22.98 -14.36
N ARG A 38 -13.99 -22.17 -15.41
CA ARG A 38 -15.03 -22.15 -16.48
C ARG A 38 -15.18 -23.58 -17.02
N SER A 39 -14.06 -24.26 -17.33
N SER A 39 -14.06 -24.30 -17.16
CA SER A 39 -14.09 -25.69 -17.73
CA SER A 39 -14.07 -25.68 -17.72
C SER A 39 -14.96 -26.50 -16.77
C SER A 39 -14.82 -26.64 -16.79
N LEU A 40 -14.58 -26.50 -15.48
CA LEU A 40 -15.26 -27.27 -14.41
C LEU A 40 -16.78 -27.02 -14.47
N HIS A 41 -17.16 -25.74 -14.52
CA HIS A 41 -18.62 -25.48 -14.58
C HIS A 41 -19.17 -26.14 -15.85
N ALA A 42 -18.54 -26.05 -17.03
CA ALA A 42 -19.09 -26.59 -18.29
C ALA A 42 -19.16 -28.10 -18.12
N ALA A 43 -18.18 -28.75 -17.48
CA ALA A 43 -18.15 -30.22 -17.33
C ALA A 43 -19.32 -30.58 -16.40
N LEU A 44 -19.50 -29.84 -15.30
CA LEU A 44 -20.59 -30.13 -14.34
C LEU A 44 -21.94 -30.03 -15.05
N GLN A 45 -22.13 -29.03 -15.93
N GLN A 45 -22.16 -28.98 -15.87
CA GLN A 45 -23.45 -28.85 -16.57
CA GLN A 45 -23.42 -28.82 -16.62
C GLN A 45 -23.70 -29.93 -17.61
C GLN A 45 -23.65 -30.10 -17.41
N ALA A 46 -22.61 -30.53 -18.13
CA ALA A 46 -22.68 -31.59 -19.16
C ALA A 46 -22.80 -32.94 -18.44
N GLY A 47 -22.67 -33.09 -17.11
CA GLY A 47 -22.46 -34.32 -16.32
C GLY A 47 -21.32 -35.13 -16.93
N ASP A 48 -20.20 -34.44 -17.16
CA ASP A 48 -18.99 -35.14 -17.68
C ASP A 48 -17.97 -35.48 -16.59
N ALA A 49 -18.00 -36.69 -16.02
CA ALA A 49 -17.17 -37.11 -14.86
C ALA A 49 -15.71 -37.07 -15.35
N GLN A 50 -15.42 -37.50 -16.59
N GLN A 50 -15.51 -37.53 -16.60
CA GLN A 50 -13.99 -37.62 -16.96
CA GLN A 50 -14.14 -37.63 -17.16
C GLN A 50 -13.38 -36.24 -17.21
C GLN A 50 -13.50 -36.24 -17.04
N ALA A 51 -14.18 -35.27 -17.64
CA ALA A 51 -13.70 -33.88 -17.85
C ALA A 51 -13.48 -33.30 -16.46
N LEU A 52 -14.42 -33.52 -15.54
CA LEU A 52 -14.27 -33.03 -14.14
C LEU A 52 -12.94 -33.56 -13.59
N ARG A 53 -12.68 -34.85 -13.77
CA ARG A 53 -11.50 -35.52 -13.16
C ARG A 53 -10.21 -34.95 -13.75
N HIS A 54 -10.17 -34.75 -15.08
CA HIS A 54 -8.95 -34.33 -15.81
C HIS A 54 -8.67 -32.86 -15.53
N THR A 55 -9.72 -32.03 -15.51
CA THR A 55 -9.50 -30.58 -15.27
C THR A 55 -9.10 -30.43 -13.79
N ALA A 56 -9.76 -31.12 -12.86
CA ALA A 56 -9.45 -31.12 -11.41
C ALA A 56 -8.00 -31.51 -11.14
N HIS A 57 -7.54 -32.55 -11.84
CA HIS A 57 -6.12 -32.97 -11.71
C HIS A 57 -5.21 -31.84 -12.21
N SER A 58 -5.51 -31.19 -13.34
N SER A 58 -5.51 -31.17 -13.33
CA SER A 58 -4.58 -30.13 -13.80
CA SER A 58 -4.73 -30.09 -13.99
C SER A 58 -4.55 -29.04 -12.72
C SER A 58 -4.66 -28.84 -13.10
N PHE A 59 -5.77 -28.63 -12.40
CA PHE A 59 -5.87 -27.46 -11.47
C PHE A 59 -5.13 -27.74 -10.16
N LYS A 60 -5.10 -28.98 -9.66
CA LYS A 60 -4.42 -29.44 -8.43
C LYS A 60 -2.94 -29.13 -8.64
N GLY A 61 -2.44 -29.57 -9.80
CA GLY A 61 -1.03 -29.27 -10.06
C GLY A 61 -0.72 -27.78 -10.09
N GLY A 62 -1.47 -27.02 -10.90
CA GLY A 62 -1.18 -25.58 -11.07
C GLY A 62 -1.29 -24.90 -9.72
N SER A 63 -2.28 -25.26 -8.90
CA SER A 63 -2.48 -24.69 -7.54
C SER A 63 -1.25 -25.01 -6.68
N SER A 64 -0.84 -26.28 -6.76
N SER A 64 -0.84 -26.27 -6.56
CA SER A 64 0.28 -26.76 -5.92
CA SER A 64 0.34 -26.66 -5.74
C SER A 64 1.55 -26.00 -6.27
C SER A 64 1.58 -25.93 -6.26
N ASN A 65 1.75 -25.70 -7.56
CA ASN A 65 2.98 -25.09 -8.13
C ASN A 65 3.07 -23.66 -7.58
N MET A 66 1.92 -23.01 -7.39
CA MET A 66 1.86 -21.62 -6.87
C MET A 66 1.55 -21.54 -5.38
N GLY A 67 1.64 -22.58 -4.54
CA GLY A 67 1.52 -22.59 -3.07
C GLY A 67 0.09 -22.34 -2.63
N ALA A 68 -0.82 -22.61 -3.56
CA ALA A 68 -2.25 -22.45 -3.20
C ALA A 68 -2.74 -23.81 -2.67
N VAL A 69 -2.31 -24.08 -1.42
N VAL A 69 -2.33 -24.29 -1.48
CA VAL A 69 -2.32 -25.43 -0.80
CA VAL A 69 -2.42 -25.70 -1.01
C VAL A 69 -3.77 -25.92 -0.73
C VAL A 69 -3.83 -26.06 -0.55
N LEU A 70 -4.62 -25.08 -0.13
CA LEU A 70 -6.02 -25.44 0.27
C LEU A 70 -6.80 -25.64 -1.03
N LEU A 71 -6.60 -24.77 -2.02
CA LEU A 71 -7.23 -24.87 -3.36
C LEU A 71 -6.84 -26.22 -3.96
N ALA A 72 -5.55 -26.56 -3.85
CA ALA A 72 -5.12 -27.83 -4.47
C ALA A 72 -5.81 -29.02 -3.78
N GLY A 73 -6.10 -28.91 -2.48
CA GLY A 73 -6.78 -29.94 -1.67
C GLY A 73 -8.20 -30.17 -2.19
N TYR A 74 -8.90 -29.08 -2.50
CA TYR A 74 -10.28 -29.23 -3.03
C TYR A 74 -10.17 -29.86 -4.42
N CYS A 75 -9.22 -29.42 -5.23
CA CYS A 75 -9.07 -30.00 -6.60
C CYS A 75 -8.84 -31.51 -6.45
N LYS A 76 -8.01 -31.92 -5.48
CA LYS A 76 -7.73 -33.37 -5.28
C LYS A 76 -9.01 -34.14 -4.92
N GLU A 77 -9.82 -33.51 -4.07
CA GLU A 77 -11.10 -34.18 -3.69
C GLU A 77 -12.02 -34.36 -4.90
N LEU A 78 -12.07 -33.35 -5.78
CA LEU A 78 -12.89 -33.41 -7.02
C LEU A 78 -12.32 -34.52 -7.91
N GLU A 79 -11.00 -34.50 -8.14
CA GLU A 79 -10.37 -35.48 -9.06
C GLU A 79 -10.72 -36.90 -8.59
N GLU A 80 -10.58 -37.14 -7.29
CA GLU A 80 -10.73 -38.51 -6.73
C GLU A 80 -12.21 -38.89 -6.79
N SER A 81 -13.11 -37.99 -6.39
CA SER A 81 -14.54 -38.38 -6.41
C SER A 81 -15.00 -38.58 -7.87
N ALA A 82 -14.63 -37.71 -8.82
CA ALA A 82 -15.00 -37.80 -10.26
C ALA A 82 -14.47 -39.13 -10.80
N ARG A 83 -13.20 -39.42 -10.52
N ARG A 83 -13.31 -39.57 -10.30
CA ARG A 83 -12.57 -40.71 -10.94
CA ARG A 83 -12.78 -40.81 -10.94
C ARG A 83 -13.47 -41.89 -10.56
C ARG A 83 -13.69 -41.98 -10.57
N ARG A 84 -14.18 -41.83 -9.43
N ARG A 84 -14.23 -41.92 -9.35
CA ARG A 84 -14.99 -42.96 -8.91
CA ARG A 84 -15.12 -42.96 -8.77
C ARG A 84 -16.42 -42.85 -9.44
C ARG A 84 -16.55 -42.75 -9.26
N GLY A 85 -16.75 -41.77 -10.15
CA GLY A 85 -18.10 -41.51 -10.68
C GLY A 85 -19.00 -41.04 -9.55
N GLU A 86 -18.47 -40.45 -8.47
CA GLU A 86 -19.21 -39.94 -7.28
C GLU A 86 -19.37 -38.44 -7.59
N LEU A 87 -20.47 -37.97 -8.18
CA LEU A 87 -20.60 -36.57 -8.62
C LEU A 87 -21.49 -35.75 -7.67
N GLN A 88 -21.99 -36.31 -6.57
N GLN A 88 -22.11 -36.34 -6.64
CA GLN A 88 -22.91 -35.61 -5.62
CA GLN A 88 -22.95 -35.49 -5.77
C GLN A 88 -22.18 -34.46 -4.91
C GLN A 88 -22.10 -34.36 -5.20
N ARG A 89 -20.86 -34.58 -4.76
CA ARG A 89 -20.11 -33.51 -4.06
C ARG A 89 -19.56 -32.53 -5.11
N ALA A 90 -19.68 -32.71 -6.42
CA ALA A 90 -19.01 -31.87 -7.44
C ALA A 90 -19.46 -30.41 -7.32
N PRO A 91 -20.78 -30.13 -7.26
CA PRO A 91 -21.22 -28.74 -7.19
C PRO A 91 -20.58 -27.98 -6.02
N ALA A 92 -20.62 -28.60 -4.84
CA ALA A 92 -20.10 -27.99 -3.58
C ALA A 92 -18.59 -27.82 -3.68
N LEU A 93 -17.92 -28.85 -4.22
CA LEU A 93 -16.43 -28.70 -4.28
C LEU A 93 -16.08 -27.56 -5.24
N ILE A 94 -16.72 -27.44 -6.40
CA ILE A 94 -16.51 -26.29 -7.34
C ILE A 94 -16.76 -24.96 -6.62
N GLU A 95 -17.84 -24.90 -5.84
N GLU A 95 -17.80 -24.92 -5.78
CA GLU A 95 -18.07 -23.63 -5.10
CA GLU A 95 -18.12 -23.68 -5.04
C GLU A 95 -16.95 -23.37 -4.08
C GLU A 95 -16.97 -23.37 -4.07
N GLN A 96 -16.47 -24.39 -3.37
CA GLN A 96 -15.37 -24.22 -2.40
C GLN A 96 -14.15 -23.72 -3.21
N MET A 97 -13.94 -24.20 -4.43
N MET A 97 -13.85 -24.40 -4.32
CA MET A 97 -12.74 -23.79 -5.21
CA MET A 97 -12.81 -23.85 -5.23
C MET A 97 -12.88 -22.36 -5.78
C MET A 97 -12.98 -22.35 -5.42
N GLU A 98 -14.13 -21.93 -5.94
CA GLU A 98 -14.36 -20.50 -6.33
C GLU A 98 -14.07 -19.63 -5.11
N ARG A 99 -14.51 -20.05 -3.92
N ARG A 99 -14.48 -19.97 -3.88
CA ARG A 99 -14.33 -19.12 -2.78
CA ARG A 99 -14.30 -19.13 -2.67
C ARG A 99 -12.84 -19.06 -2.43
C ARG A 99 -12.83 -19.07 -2.24
N GLU A 100 -12.16 -20.21 -2.46
CA GLU A 100 -10.71 -20.26 -2.08
C GLU A 100 -9.88 -19.52 -3.12
N PHE A 101 -10.16 -19.80 -4.41
CA PHE A 101 -9.51 -19.11 -5.56
C PHE A 101 -9.68 -17.60 -5.38
N ALA A 102 -10.84 -17.11 -4.93
CA ALA A 102 -11.04 -15.65 -4.83
C ALA A 102 -10.01 -15.09 -3.85
N ILE A 103 -9.68 -15.85 -2.80
CA ILE A 103 -8.66 -15.38 -1.81
C ILE A 103 -7.30 -15.33 -2.52
N VAL A 104 -6.91 -16.47 -3.10
CA VAL A 104 -5.58 -16.47 -3.77
C VAL A 104 -5.54 -15.33 -4.79
N ARG A 105 -6.59 -15.08 -5.58
CA ARG A 105 -6.67 -14.03 -6.63
C ARG A 105 -6.34 -12.70 -5.96
N ILE A 106 -7.08 -12.30 -4.93
CA ILE A 106 -6.88 -10.91 -4.44
C ILE A 106 -5.47 -10.81 -3.87
N LEU A 107 -4.94 -11.84 -3.21
CA LEU A 107 -3.57 -11.78 -2.63
C LEU A 107 -2.62 -11.65 -3.83
N PHE A 108 -2.84 -12.36 -4.93
CA PHE A 108 -1.88 -12.21 -6.06
C PHE A 108 -2.04 -10.85 -6.74
N LYS A 109 -3.25 -10.27 -6.84
CA LYS A 109 -3.42 -8.95 -7.48
C LYS A 109 -2.75 -7.91 -6.58
N GLN A 110 -2.81 -8.09 -5.25
CA GLN A 110 -2.15 -7.16 -4.31
C GLN A 110 -0.64 -7.18 -4.57
N GLU A 111 -0.08 -8.38 -4.55
CA GLU A 111 1.40 -8.57 -4.64
C GLU A 111 1.77 -8.02 -6.02
N ARG A 112 1.06 -8.29 -7.12
CA ARG A 112 1.44 -7.92 -8.50
C ARG A 112 1.66 -6.40 -8.57
N GLN A 113 0.96 -5.61 -7.75
CA GLN A 113 1.00 -4.13 -7.88
C GLN A 113 2.38 -3.65 -7.42
N ARG A 114 3.23 -4.50 -6.84
CA ARG A 114 4.59 -4.20 -6.32
C ARG A 114 5.57 -4.23 -7.50
N TYR A 115 5.15 -4.59 -8.71
CA TYR A 115 6.08 -4.79 -9.86
C TYR A 115 5.56 -3.92 -11.01
N ARG A 116 6.45 -3.51 -11.92
CA ARG A 116 6.04 -2.72 -13.11
C ARG A 116 5.02 -3.50 -13.95
N SER B 2 -28.56 -40.94 -5.12
CA SER B 2 -27.81 -41.15 -3.84
C SER B 2 -28.64 -40.54 -2.71
N ALA B 3 -28.93 -41.29 -1.65
CA ALA B 3 -29.36 -40.75 -0.34
C ALA B 3 -28.31 -39.75 0.17
N PRO B 4 -28.66 -38.70 0.94
CA PRO B 4 -30.05 -38.41 1.33
C PRO B 4 -30.77 -37.53 0.29
N HIS B 5 -30.13 -37.20 -0.84
CA HIS B 5 -30.64 -36.23 -1.85
C HIS B 5 -31.83 -36.82 -2.62
N LEU B 6 -31.67 -38.10 -2.99
CA LEU B 6 -32.73 -38.77 -3.78
C LEU B 6 -33.24 -39.99 -3.00
N ASP B 7 -34.56 -40.20 -3.00
CA ASP B 7 -35.18 -41.42 -2.43
C ASP B 7 -35.29 -42.45 -3.56
N ASP B 8 -34.34 -43.38 -3.61
CA ASP B 8 -34.17 -44.35 -4.72
C ASP B 8 -35.46 -45.16 -4.85
N ARG B 9 -36.25 -45.33 -3.79
CA ARG B 9 -37.42 -46.23 -4.00
C ARG B 9 -38.53 -45.40 -4.65
N VAL B 10 -38.62 -44.08 -4.44
CA VAL B 10 -39.59 -43.28 -5.25
C VAL B 10 -39.17 -43.47 -6.72
N LEU B 11 -37.89 -43.23 -7.01
CA LEU B 11 -37.43 -43.29 -8.43
C LEU B 11 -37.58 -44.72 -8.98
N ALA B 12 -37.35 -45.74 -8.15
CA ALA B 12 -37.41 -47.10 -8.74
C ALA B 12 -38.85 -47.42 -9.15
N SER B 13 -39.79 -47.02 -8.29
CA SER B 13 -41.23 -47.14 -8.67
C SER B 13 -41.56 -46.36 -9.94
N LEU B 14 -41.10 -45.11 -10.03
CA LEU B 14 -41.38 -44.29 -11.24
C LEU B 14 -40.82 -44.96 -12.51
N GLN B 15 -39.58 -45.47 -12.43
N GLN B 15 -39.61 -45.51 -12.44
CA GLN B 15 -38.95 -46.19 -13.57
CA GLN B 15 -39.02 -46.09 -13.67
C GLN B 15 -39.89 -47.32 -14.02
C GLN B 15 -39.75 -47.40 -14.02
N GLU B 16 -40.25 -48.17 -13.05
CA GLU B 16 -41.07 -49.37 -13.32
C GLU B 16 -42.38 -48.95 -13.99
N VAL B 17 -43.08 -47.94 -13.47
CA VAL B 17 -44.34 -47.43 -14.07
C VAL B 17 -44.08 -46.81 -15.45
N MET B 18 -43.12 -45.90 -15.56
CA MET B 18 -43.07 -44.97 -16.72
C MET B 18 -42.29 -45.56 -17.90
N GLU B 19 -41.43 -46.54 -17.63
CA GLU B 19 -40.62 -47.27 -18.64
C GLU B 19 -39.92 -46.24 -19.53
N ASP B 20 -40.26 -46.13 -20.81
CA ASP B 20 -39.55 -45.31 -21.83
C ASP B 20 -39.71 -43.82 -21.47
N GLU B 21 -40.75 -43.45 -20.70
CA GLU B 21 -40.99 -42.02 -20.35
C GLU B 21 -39.99 -41.61 -19.27
N TYR B 22 -39.45 -42.58 -18.52
CA TYR B 22 -38.61 -42.17 -17.36
C TYR B 22 -37.46 -41.24 -17.74
N PRO B 23 -36.69 -41.46 -18.83
CA PRO B 23 -35.58 -40.54 -19.10
C PRO B 23 -36.08 -39.14 -19.45
N VAL B 24 -37.25 -39.06 -20.08
CA VAL B 24 -37.90 -37.78 -20.51
C VAL B 24 -38.21 -37.09 -19.18
N LEU B 25 -38.68 -37.76 -18.11
CA LEU B 25 -39.06 -37.08 -16.86
C LEU B 25 -37.80 -36.53 -16.18
N LEU B 26 -36.67 -37.24 -16.22
CA LEU B 26 -35.41 -36.70 -15.66
C LEU B 26 -35.19 -35.36 -16.37
N ASP B 27 -35.23 -35.29 -17.70
CA ASP B 27 -34.85 -34.11 -18.55
C ASP B 27 -35.85 -33.01 -18.19
N THR B 28 -37.17 -33.25 -18.15
N THR B 28 -37.14 -33.37 -18.10
CA THR B 28 -38.14 -32.14 -17.95
CA THR B 28 -38.16 -32.32 -17.88
C THR B 28 -38.13 -31.72 -16.47
C THR B 28 -37.97 -31.68 -16.50
N PHE B 29 -37.72 -32.55 -15.51
CA PHE B 29 -37.57 -32.12 -14.10
C PHE B 29 -36.46 -31.07 -14.00
N VAL B 30 -35.41 -31.31 -14.79
CA VAL B 30 -34.28 -30.32 -14.74
C VAL B 30 -34.81 -29.02 -15.36
N LEU B 31 -35.38 -28.99 -16.56
CA LEU B 31 -35.80 -27.74 -17.24
C LEU B 31 -36.90 -27.09 -16.37
N ASP B 32 -37.88 -27.87 -15.89
CA ASP B 32 -38.99 -27.26 -15.09
C ASP B 32 -38.38 -26.59 -13.86
N SER B 33 -37.46 -27.24 -13.15
CA SER B 33 -36.88 -26.74 -11.86
C SER B 33 -36.04 -25.50 -12.17
N GLU B 34 -35.29 -25.45 -13.27
CA GLU B 34 -34.48 -24.27 -13.67
C GLU B 34 -35.48 -23.12 -13.80
N GLU B 35 -36.54 -23.31 -14.60
N GLU B 35 -36.62 -23.39 -14.44
CA GLU B 35 -37.56 -22.24 -14.74
CA GLU B 35 -37.58 -22.29 -14.74
C GLU B 35 -38.13 -21.80 -13.39
C GLU B 35 -38.17 -21.81 -13.40
N ARG B 36 -38.51 -22.69 -12.47
N ARG B 36 -38.55 -22.75 -12.53
CA ARG B 36 -39.00 -22.41 -11.10
CA ARG B 36 -39.03 -22.43 -11.17
C ARG B 36 -38.01 -21.61 -10.25
C ARG B 36 -37.98 -21.49 -10.57
N LEU B 37 -36.73 -21.94 -10.42
CA LEU B 37 -35.70 -21.13 -9.71
C LEU B 37 -35.67 -19.73 -10.33
N ARG B 38 -35.65 -19.57 -11.66
CA ARG B 38 -35.63 -18.23 -12.31
C ARG B 38 -36.85 -17.46 -11.81
N SER B 39 -38.00 -18.12 -11.59
N SER B 39 -38.01 -18.15 -11.78
CA SER B 39 -39.23 -17.41 -11.19
CA SER B 39 -39.27 -17.56 -11.25
C SER B 39 -39.20 -17.01 -9.71
C SER B 39 -39.06 -17.03 -9.83
N LEU B 40 -38.51 -17.82 -8.89
CA LEU B 40 -38.32 -17.50 -7.45
C LEU B 40 -37.39 -16.28 -7.36
N HIS B 41 -36.30 -16.27 -8.15
CA HIS B 41 -35.42 -15.08 -8.08
C HIS B 41 -36.24 -13.84 -8.46
N ALA B 42 -37.03 -13.90 -9.54
CA ALA B 42 -37.77 -12.74 -10.07
C ALA B 42 -38.76 -12.33 -8.97
N ALA B 43 -39.40 -13.29 -8.31
CA ALA B 43 -40.40 -13.05 -7.25
C ALA B 43 -39.75 -12.39 -6.03
N LEU B 44 -38.52 -12.82 -5.72
CA LEU B 44 -37.78 -12.25 -4.57
C LEU B 44 -37.39 -10.81 -4.93
N GLN B 45 -36.91 -10.52 -6.15
N GLN B 45 -37.03 -10.51 -6.19
CA GLN B 45 -36.54 -9.15 -6.58
CA GLN B 45 -36.51 -9.16 -6.55
C GLN B 45 -37.77 -8.28 -6.32
C GLN B 45 -37.68 -8.20 -6.72
N ALA B 46 -38.88 -8.77 -6.88
CA ALA B 46 -40.13 -7.95 -6.88
C ALA B 46 -40.71 -7.82 -5.47
N GLY B 47 -40.34 -8.61 -4.45
CA GLY B 47 -40.89 -8.71 -3.08
C GLY B 47 -42.30 -9.29 -3.19
N ASP B 48 -42.58 -10.13 -4.17
CA ASP B 48 -43.91 -10.78 -4.35
C ASP B 48 -44.06 -12.07 -3.52
N ALA B 49 -44.59 -11.97 -2.30
CA ALA B 49 -44.71 -13.11 -1.35
C ALA B 49 -45.65 -14.12 -2.00
N GLN B 50 -46.64 -13.66 -2.78
CA GLN B 50 -47.63 -14.60 -3.34
C GLN B 50 -46.96 -15.49 -4.40
N ALA B 51 -46.18 -14.84 -5.26
CA ALA B 51 -45.49 -15.49 -6.41
C ALA B 51 -44.46 -16.44 -5.77
N LEU B 52 -43.83 -16.06 -4.66
CA LEU B 52 -42.87 -16.94 -3.94
C LEU B 52 -43.64 -18.18 -3.45
N ARG B 53 -44.77 -17.94 -2.79
N ARG B 53 -44.81 -17.95 -2.86
CA ARG B 53 -45.55 -19.03 -2.16
CA ARG B 53 -45.63 -19.06 -2.31
C ARG B 53 -46.00 -20.13 -3.14
C ARG B 53 -46.09 -19.99 -3.44
N HIS B 54 -46.50 -19.77 -4.32
N HIS B 54 -46.63 -19.46 -4.55
CA HIS B 54 -47.17 -20.60 -5.38
CA HIS B 54 -47.23 -20.35 -5.57
C HIS B 54 -46.12 -21.23 -6.31
C HIS B 54 -46.05 -21.23 -6.01
N THR B 55 -44.98 -20.56 -6.46
CA THR B 55 -43.87 -21.22 -7.21
C THR B 55 -43.25 -22.24 -6.25
N ALA B 56 -43.02 -21.96 -4.97
CA ALA B 56 -42.41 -22.82 -3.92
C ALA B 56 -43.32 -24.06 -3.85
N HIS B 57 -44.64 -23.86 -3.74
CA HIS B 57 -45.55 -25.03 -3.61
C HIS B 57 -45.45 -25.94 -4.84
N SER B 58 -45.47 -25.44 -6.08
N SER B 58 -45.42 -25.39 -6.06
CA SER B 58 -45.30 -26.36 -7.24
CA SER B 58 -45.24 -25.91 -7.44
C SER B 58 -43.93 -27.02 -7.16
C SER B 58 -43.95 -26.71 -7.63
N PHE B 59 -42.87 -26.22 -7.03
CA PHE B 59 -41.54 -26.90 -7.04
C PHE B 59 -41.51 -28.01 -5.99
N LYS B 60 -42.12 -27.88 -4.80
CA LYS B 60 -42.27 -28.86 -3.69
C LYS B 60 -42.87 -30.13 -4.31
N GLY B 61 -44.03 -29.99 -4.96
CA GLY B 61 -44.58 -31.20 -5.59
C GLY B 61 -43.69 -31.82 -6.66
N GLY B 62 -43.25 -31.07 -7.67
CA GLY B 62 -42.37 -31.58 -8.74
C GLY B 62 -41.21 -32.31 -8.07
N SER B 63 -40.58 -31.72 -7.04
CA SER B 63 -39.41 -32.34 -6.36
C SER B 63 -39.82 -33.66 -5.69
N SER B 64 -41.02 -33.60 -5.09
N SER B 64 -40.89 -33.73 -4.89
CA SER B 64 -41.52 -34.77 -4.34
CA SER B 64 -41.32 -35.00 -4.24
C SER B 64 -41.68 -35.97 -5.30
C SER B 64 -41.67 -36.02 -5.34
N ASN B 65 -42.31 -35.68 -6.45
CA ASN B 65 -42.75 -36.58 -7.54
C ASN B 65 -41.46 -37.27 -8.01
N MET B 66 -40.31 -36.57 -8.00
CA MET B 66 -39.09 -37.17 -8.59
C MET B 66 -38.09 -37.57 -7.51
N GLY B 67 -38.50 -37.79 -6.26
CA GLY B 67 -37.72 -38.34 -5.15
C GLY B 67 -36.58 -37.43 -4.71
N ALA B 68 -36.77 -36.14 -5.02
CA ALA B 68 -35.80 -35.15 -4.51
C ALA B 68 -36.25 -34.56 -3.17
N VAL B 69 -36.10 -35.31 -2.07
N VAL B 69 -36.07 -35.37 -2.12
CA VAL B 69 -36.89 -35.08 -0.82
CA VAL B 69 -36.82 -35.18 -0.83
C VAL B 69 -36.24 -34.02 0.07
C VAL B 69 -36.27 -33.92 -0.14
N LEU B 70 -34.93 -33.82 -0.09
CA LEU B 70 -34.33 -32.66 0.62
C LEU B 70 -34.76 -31.37 -0.09
N LEU B 71 -34.69 -31.29 -1.42
CA LEU B 71 -35.11 -30.13 -2.25
C LEU B 71 -36.59 -29.82 -1.93
N ALA B 72 -37.40 -30.88 -1.91
CA ALA B 72 -38.84 -30.69 -1.58
C ALA B 72 -38.98 -30.05 -0.21
N GLY B 73 -38.25 -30.47 0.84
CA GLY B 73 -38.26 -29.93 2.21
C GLY B 73 -37.85 -28.47 2.28
N TYR B 74 -36.90 -27.97 1.49
CA TYR B 74 -36.71 -26.50 1.34
C TYR B 74 -37.86 -25.75 0.65
N CYS B 75 -38.38 -26.31 -0.44
CA CYS B 75 -39.51 -25.67 -1.15
C CYS B 75 -40.61 -25.51 -0.10
N LYS B 76 -40.83 -26.54 0.72
CA LYS B 76 -41.94 -26.52 1.72
C LYS B 76 -41.77 -25.33 2.67
N GLU B 77 -40.51 -25.16 3.12
CA GLU B 77 -40.14 -24.06 4.04
C GLU B 77 -40.35 -22.71 3.33
N LEU B 78 -39.97 -22.60 2.07
CA LEU B 78 -40.17 -21.30 1.36
C LEU B 78 -41.66 -21.00 1.11
N GLU B 79 -42.46 -22.04 0.83
CA GLU B 79 -43.91 -21.87 0.56
C GLU B 79 -44.50 -21.31 1.86
N GLU B 80 -44.12 -21.91 2.99
CA GLU B 80 -44.82 -21.61 4.27
C GLU B 80 -44.39 -20.19 4.66
N SER B 81 -43.11 -19.87 4.50
N SER B 81 -43.07 -19.97 4.63
CA SER B 81 -42.59 -18.58 5.02
CA SER B 81 -42.50 -18.63 4.92
C SER B 81 -43.08 -17.46 4.08
C SER B 81 -43.34 -17.61 4.14
N ALA B 82 -43.35 -17.75 2.81
CA ALA B 82 -44.03 -16.85 1.85
C ALA B 82 -45.50 -16.68 2.27
N ARG B 83 -46.20 -17.78 2.58
CA ARG B 83 -47.64 -17.66 2.91
C ARG B 83 -47.80 -16.78 4.15
N ARG B 84 -47.00 -16.94 5.20
N ARG B 84 -46.94 -16.94 5.16
CA ARG B 84 -46.97 -16.19 6.49
CA ARG B 84 -46.96 -16.20 6.46
C ARG B 84 -46.54 -14.73 6.30
C ARG B 84 -46.19 -14.88 6.38
N GLY B 85 -45.90 -14.36 5.19
CA GLY B 85 -45.09 -13.14 4.99
C GLY B 85 -43.79 -12.96 5.75
N GLU B 86 -43.03 -14.02 6.09
N GLU B 86 -43.27 -13.97 6.47
CA GLU B 86 -41.78 -14.04 6.90
CA GLU B 86 -41.87 -13.94 6.96
C GLU B 86 -40.56 -14.08 5.96
C GLU B 86 -41.04 -14.13 5.69
N LEU B 87 -40.50 -13.07 5.09
CA LEU B 87 -39.59 -13.09 3.92
C LEU B 87 -38.11 -13.06 4.31
N GLN B 88 -37.69 -12.82 5.56
N GLN B 88 -37.78 -12.82 5.59
CA GLN B 88 -36.27 -12.72 5.99
CA GLN B 88 -36.37 -12.66 6.02
C GLN B 88 -35.49 -14.00 5.68
C GLN B 88 -35.67 -13.92 5.48
N ARG B 89 -36.22 -15.12 5.59
CA ARG B 89 -35.55 -16.42 5.33
C ARG B 89 -35.55 -16.67 3.81
N ALA B 90 -36.24 -15.93 2.94
CA ALA B 90 -36.48 -16.28 1.53
C ALA B 90 -35.14 -16.32 0.79
N PRO B 91 -34.27 -15.28 0.91
CA PRO B 91 -33.02 -15.32 0.15
C PRO B 91 -32.23 -16.60 0.46
N ALA B 92 -32.06 -16.92 1.74
CA ALA B 92 -31.24 -18.06 2.23
C ALA B 92 -31.90 -19.37 1.75
N LEU B 93 -33.23 -19.46 1.83
CA LEU B 93 -33.88 -20.73 1.41
C LEU B 93 -33.66 -20.91 -0.09
N ILE B 94 -33.75 -19.87 -0.91
CA ILE B 94 -33.57 -19.92 -2.39
C ILE B 94 -32.14 -20.41 -2.65
N GLU B 95 -31.18 -19.85 -1.91
N GLU B 95 -31.19 -19.80 -1.93
CA GLU B 95 -29.78 -20.29 -2.16
CA GLU B 95 -29.77 -20.24 -2.05
C GLU B 95 -29.62 -21.77 -1.78
C GLU B 95 -29.68 -21.75 -1.81
N GLN B 96 -30.31 -22.23 -0.73
CA GLN B 96 -30.20 -23.65 -0.28
C GLN B 96 -30.86 -24.47 -1.39
N MET B 97 -31.87 -23.94 -2.08
N MET B 97 -32.04 -24.08 -1.87
CA MET B 97 -32.60 -24.73 -3.12
CA MET B 97 -32.61 -24.68 -3.10
C MET B 97 -31.79 -24.77 -4.42
C MET B 97 -31.54 -24.89 -4.18
N GLU B 98 -30.89 -23.78 -4.57
CA GLU B 98 -29.97 -23.74 -5.73
C GLU B 98 -28.91 -24.82 -5.44
N ARG B 99 -28.36 -24.89 -4.23
N ARG B 99 -28.37 -24.84 -4.22
CA ARG B 99 -27.22 -25.80 -3.97
CA ARG B 99 -27.22 -25.74 -3.94
C ARG B 99 -27.71 -27.26 -3.95
C ARG B 99 -27.79 -27.16 -4.07
N GLU B 100 -28.93 -27.46 -3.46
CA GLU B 100 -29.46 -28.85 -3.41
C GLU B 100 -29.91 -29.23 -4.83
N PHE B 101 -30.55 -28.36 -5.60
CA PHE B 101 -30.93 -28.66 -7.01
C PHE B 101 -29.67 -29.00 -7.82
N ALA B 102 -28.54 -28.33 -7.59
CA ALA B 102 -27.34 -28.63 -8.41
C ALA B 102 -26.96 -30.09 -8.15
N ILE B 103 -27.16 -30.66 -6.96
CA ILE B 103 -26.82 -32.08 -6.62
C ILE B 103 -27.78 -32.91 -7.48
N VAL B 104 -29.07 -32.65 -7.26
CA VAL B 104 -30.09 -33.47 -7.99
C VAL B 104 -29.79 -33.44 -9.50
N ARG B 105 -29.54 -32.25 -10.07
CA ARG B 105 -29.25 -32.01 -11.51
C ARG B 105 -28.12 -32.97 -11.89
N ILE B 106 -26.97 -32.92 -11.22
CA ILE B 106 -25.85 -33.74 -11.79
C ILE B 106 -26.23 -35.22 -11.66
N LEU B 107 -26.92 -35.65 -10.59
CA LEU B 107 -27.28 -37.08 -10.40
C LEU B 107 -28.22 -37.45 -11.56
N PHE B 108 -29.11 -36.52 -11.93
CA PHE B 108 -30.10 -36.87 -12.98
C PHE B 108 -29.37 -36.85 -14.33
N LYS B 109 -28.36 -36.01 -14.53
CA LYS B 109 -27.63 -36.02 -15.83
C LYS B 109 -26.84 -37.33 -15.92
N GLN B 110 -26.28 -37.75 -14.78
CA GLN B 110 -25.53 -39.04 -14.76
C GLN B 110 -26.52 -40.16 -15.14
N GLU B 111 -27.66 -40.23 -14.44
CA GLU B 111 -28.66 -41.31 -14.66
C GLU B 111 -29.15 -41.23 -16.11
N ARG B 112 -29.40 -40.05 -16.68
CA ARG B 112 -29.97 -39.92 -18.05
C ARG B 112 -29.03 -40.52 -19.09
N GLN B 113 -27.71 -40.53 -18.86
CA GLN B 113 -26.66 -41.06 -19.79
C GLN B 113 -26.92 -42.57 -19.92
N ARG B 114 -27.64 -43.23 -19.00
CA ARG B 114 -27.86 -44.70 -19.03
C ARG B 114 -28.91 -45.08 -20.08
N TYR B 115 -29.53 -44.08 -20.73
CA TYR B 115 -30.69 -44.28 -21.63
C TYR B 115 -30.47 -43.57 -22.97
N ARG B 116 -31.00 -44.12 -24.07
CA ARG B 116 -30.74 -43.53 -25.41
C ARG B 116 -31.02 -42.05 -25.64
N SER C 2 -37.33 -6.82 10.73
CA SER C 2 -37.09 -7.90 11.72
C SER C 2 -35.66 -7.88 12.29
N ALA C 3 -35.54 -7.97 13.62
CA ALA C 3 -34.31 -8.28 14.39
C ALA C 3 -33.82 -9.68 14.01
N PRO C 4 -32.50 -9.92 14.04
CA PRO C 4 -31.49 -8.93 14.42
C PRO C 4 -30.97 -8.10 13.24
N HIS C 5 -31.61 -8.24 12.08
CA HIS C 5 -31.17 -7.68 10.77
C HIS C 5 -31.39 -6.16 10.77
N LEU C 6 -32.55 -5.80 11.33
CA LEU C 6 -32.97 -4.37 11.37
C LEU C 6 -33.17 -4.02 12.85
N ASP C 7 -32.66 -2.83 13.23
CA ASP C 7 -32.84 -2.35 14.62
C ASP C 7 -34.02 -1.39 14.62
N ASP C 8 -35.12 -1.85 15.21
CA ASP C 8 -36.44 -1.18 15.08
C ASP C 8 -36.40 0.17 15.82
N ARG C 9 -35.53 0.28 16.83
CA ARG C 9 -35.09 1.48 17.59
C ARG C 9 -34.92 2.55 16.50
N VAL C 10 -33.86 2.32 15.71
CA VAL C 10 -33.37 3.29 14.68
C VAL C 10 -34.58 3.57 13.78
N LEU C 11 -35.24 2.55 13.25
CA LEU C 11 -36.19 2.82 12.13
C LEU C 11 -37.47 3.41 12.74
N ALA C 12 -37.85 3.12 13.99
CA ALA C 12 -39.12 3.67 14.53
C ALA C 12 -38.96 5.19 14.61
N SER C 13 -37.80 5.62 15.12
CA SER C 13 -37.53 7.07 15.17
C SER C 13 -37.48 7.71 13.79
N LEU C 14 -36.77 7.10 12.83
CA LEU C 14 -36.68 7.63 11.44
C LEU C 14 -38.04 7.76 10.75
N GLN C 15 -38.91 6.76 10.92
CA GLN C 15 -40.23 6.78 10.25
C GLN C 15 -41.06 7.94 10.79
N GLU C 16 -40.91 8.09 12.11
CA GLU C 16 -41.70 9.11 12.86
C GLU C 16 -41.33 10.48 12.31
N VAL C 17 -40.04 10.78 12.20
CA VAL C 17 -39.57 12.07 11.59
C VAL C 17 -39.93 12.16 10.11
N MET C 18 -39.61 11.16 9.27
CA MET C 18 -39.57 11.40 7.80
C MET C 18 -40.99 11.38 7.21
N GLU C 19 -41.89 10.67 7.90
CA GLU C 19 -43.28 10.49 7.41
C GLU C 19 -43.27 10.07 5.94
N ASP C 20 -43.79 10.83 4.96
N ASP C 20 -43.67 11.02 5.08
CA ASP C 20 -43.94 10.23 3.60
CA ASP C 20 -43.92 10.93 3.62
C ASP C 20 -42.57 10.13 2.94
C ASP C 20 -42.66 10.48 2.86
N GLU C 21 -41.52 10.75 3.49
CA GLU C 21 -40.16 10.59 2.88
C GLU C 21 -39.71 9.16 3.25
N TYR C 22 -40.23 8.58 4.34
CA TYR C 22 -39.71 7.24 4.72
C TYR C 22 -39.69 6.17 3.63
N PRO C 23 -40.79 5.95 2.89
CA PRO C 23 -40.76 5.02 1.78
C PRO C 23 -39.69 5.37 0.72
N VAL C 24 -39.42 6.66 0.49
CA VAL C 24 -38.40 7.12 -0.50
C VAL C 24 -37.03 6.71 0.08
N LEU C 25 -36.83 6.75 1.40
CA LEU C 25 -35.51 6.38 1.97
C LEU C 25 -35.35 4.86 1.79
N LEU C 26 -36.43 4.10 1.97
CA LEU C 26 -36.22 2.63 1.80
C LEU C 26 -35.77 2.44 0.35
N ASP C 27 -36.42 3.03 -0.65
CA ASP C 27 -36.17 2.70 -2.08
C ASP C 27 -34.73 3.14 -2.38
N THR C 28 -34.36 4.27 -1.77
N THR C 28 -34.37 4.39 -2.07
CA THR C 28 -33.06 4.89 -2.15
CA THR C 28 -32.99 4.88 -2.33
C THR C 28 -31.92 4.05 -1.56
C THR C 28 -31.94 4.10 -1.54
N PHE C 29 -32.18 3.53 -0.36
CA PHE C 29 -31.23 2.67 0.38
C PHE C 29 -30.91 1.45 -0.47
N VAL C 30 -31.96 0.84 -1.04
CA VAL C 30 -31.73 -0.35 -1.92
C VAL C 30 -30.81 0.05 -3.08
N LEU C 31 -31.13 1.12 -3.82
CA LEU C 31 -30.41 1.51 -5.05
C LEU C 31 -28.99 1.85 -4.59
N ASP C 32 -28.84 2.67 -3.55
CA ASP C 32 -27.47 3.17 -3.22
C ASP C 32 -26.65 1.95 -2.78
N SER C 33 -27.21 1.00 -2.03
CA SER C 33 -26.48 -0.22 -1.58
C SER C 33 -26.14 -1.15 -2.76
N GLU C 34 -27.01 -1.26 -3.77
CA GLU C 34 -26.72 -2.08 -4.97
C GLU C 34 -25.51 -1.44 -5.66
N GLU C 35 -25.41 -0.11 -5.72
N GLU C 35 -25.49 -0.11 -5.83
CA GLU C 35 -24.28 0.53 -6.44
CA GLU C 35 -24.32 0.63 -6.37
C GLU C 35 -23.03 0.32 -5.57
C GLU C 35 -23.06 0.28 -5.57
N ARG C 36 -23.16 0.33 -4.24
CA ARG C 36 -21.97 0.15 -3.37
C ARG C 36 -21.46 -1.27 -3.64
N LEU C 37 -22.38 -2.24 -3.65
CA LEU C 37 -21.87 -3.64 -3.81
C LEU C 37 -21.18 -3.73 -5.17
N ARG C 38 -21.77 -3.18 -6.23
CA ARG C 38 -21.17 -3.21 -7.59
C ARG C 38 -19.75 -2.63 -7.42
N SER C 39 -19.60 -1.52 -6.70
N SER C 39 -19.67 -1.49 -6.74
CA SER C 39 -18.26 -0.87 -6.59
CA SER C 39 -18.35 -0.80 -6.55
C SER C 39 -17.28 -1.76 -5.82
C SER C 39 -17.39 -1.78 -5.89
N LEU C 40 -17.78 -2.43 -4.78
CA LEU C 40 -16.91 -3.34 -4.00
C LEU C 40 -16.44 -4.47 -4.94
N HIS C 41 -17.33 -5.11 -5.70
CA HIS C 41 -16.88 -6.24 -6.56
C HIS C 41 -15.78 -5.68 -7.48
N ALA C 42 -15.99 -4.47 -8.03
CA ALA C 42 -15.07 -3.93 -9.05
C ALA C 42 -13.73 -3.75 -8.34
N ALA C 43 -13.74 -3.20 -7.12
CA ALA C 43 -12.54 -2.88 -6.32
C ALA C 43 -11.86 -4.22 -6.03
N LEU C 44 -12.60 -5.27 -5.65
CA LEU C 44 -12.04 -6.60 -5.33
C LEU C 44 -11.31 -7.15 -6.56
N GLN C 45 -11.92 -7.04 -7.75
N GLN C 45 -11.87 -7.02 -7.77
CA GLN C 45 -11.27 -7.66 -8.94
CA GLN C 45 -11.38 -7.56 -9.06
C GLN C 45 -9.98 -6.89 -9.20
C GLN C 45 -10.13 -6.82 -9.55
N ALA C 46 -10.05 -5.56 -9.11
CA ALA C 46 -8.89 -4.69 -9.42
C ALA C 46 -7.82 -4.84 -8.34
N GLY C 47 -8.02 -5.45 -7.17
CA GLY C 47 -7.20 -5.58 -5.94
C GLY C 47 -6.93 -4.17 -5.44
N ASP C 48 -7.99 -3.36 -5.34
CA ASP C 48 -7.87 -1.92 -4.97
C ASP C 48 -8.26 -1.74 -3.50
N ALA C 49 -7.31 -1.83 -2.57
CA ALA C 49 -7.52 -1.85 -1.10
C ALA C 49 -8.18 -0.52 -0.70
N GLN C 50 -7.68 0.59 -1.27
CA GLN C 50 -8.18 1.90 -0.77
C GLN C 50 -9.64 2.06 -1.21
N ALA C 51 -10.02 1.64 -2.41
CA ALA C 51 -11.41 1.70 -2.91
C ALA C 51 -12.26 0.77 -2.02
N LEU C 52 -11.81 -0.43 -1.67
CA LEU C 52 -12.54 -1.32 -0.73
C LEU C 52 -12.80 -0.59 0.60
N ARG C 53 -11.74 0.02 1.13
CA ARG C 53 -11.88 0.73 2.44
C ARG C 53 -12.87 1.90 2.33
N HIS C 54 -12.70 2.72 1.30
N HIS C 54 -12.83 2.77 1.31
CA HIS C 54 -13.56 3.93 1.13
CA HIS C 54 -13.67 3.98 1.21
C HIS C 54 -15.03 3.46 1.04
C HIS C 54 -15.13 3.67 0.83
N THR C 55 -15.29 2.59 0.07
CA THR C 55 -16.71 2.23 -0.25
C THR C 55 -17.29 1.52 0.99
N ALA C 56 -16.53 0.65 1.66
CA ALA C 56 -16.93 -0.08 2.89
C ALA C 56 -17.37 0.97 3.92
N HIS C 57 -16.50 1.97 4.15
CA HIS C 57 -16.89 3.01 5.15
C HIS C 57 -18.19 3.73 4.78
N SER C 58 -18.43 4.08 3.51
CA SER C 58 -19.66 4.76 3.04
C SER C 58 -20.84 3.84 3.32
N PHE C 59 -20.66 2.59 2.85
CA PHE C 59 -21.75 1.61 3.05
C PHE C 59 -22.13 1.41 4.53
N LYS C 60 -21.16 1.44 5.46
CA LYS C 60 -21.25 1.24 6.93
C LYS C 60 -22.18 2.37 7.40
N GLY C 61 -21.90 3.59 6.93
CA GLY C 61 -22.73 4.71 7.41
C GLY C 61 -24.14 4.59 6.84
N GLY C 62 -24.29 4.38 5.53
CA GLY C 62 -25.66 4.28 4.98
C GLY C 62 -26.46 3.16 5.62
N SER C 63 -25.83 2.02 5.92
CA SER C 63 -26.43 0.84 6.58
C SER C 63 -26.89 1.28 7.98
N SER C 64 -26.02 1.93 8.76
CA SER C 64 -26.31 2.34 10.16
C SER C 64 -27.47 3.34 10.13
N ASN C 65 -27.54 4.21 9.12
CA ASN C 65 -28.57 5.30 9.07
C ASN C 65 -29.91 4.57 8.97
N MET C 66 -29.93 3.46 8.22
CA MET C 66 -31.21 2.75 7.91
C MET C 66 -31.42 1.56 8.83
N GLY C 67 -30.71 1.45 9.96
CA GLY C 67 -30.87 0.41 10.99
C GLY C 67 -30.54 -1.00 10.51
N ALA C 68 -29.72 -1.01 9.45
CA ALA C 68 -29.29 -2.34 8.95
C ALA C 68 -27.98 -2.66 9.70
N VAL C 69 -28.04 -3.06 10.97
CA VAL C 69 -26.90 -3.01 11.94
C VAL C 69 -25.99 -4.21 11.63
N LEU C 70 -26.48 -5.37 11.22
CA LEU C 70 -25.54 -6.50 10.99
C LEU C 70 -24.77 -6.20 9.69
N LEU C 71 -25.44 -5.66 8.67
CA LEU C 71 -24.81 -5.19 7.42
C LEU C 71 -23.73 -4.16 7.74
N ALA C 72 -24.01 -3.21 8.63
CA ALA C 72 -23.02 -2.15 8.91
C ALA C 72 -21.81 -2.84 9.56
N GLY C 73 -21.97 -3.85 10.42
CA GLY C 73 -20.92 -4.67 11.06
C GLY C 73 -19.97 -5.20 10.02
N TYR C 74 -20.53 -5.86 9.00
CA TYR C 74 -19.63 -6.45 7.98
C TYR C 74 -18.88 -5.34 7.23
N CYS C 75 -19.56 -4.23 6.95
CA CYS C 75 -18.94 -3.07 6.23
C CYS C 75 -17.76 -2.63 7.09
N LYS C 76 -17.99 -2.49 8.40
CA LYS C 76 -16.89 -2.06 9.30
C LYS C 76 -15.73 -3.06 9.20
N GLU C 77 -16.00 -4.36 9.25
CA GLU C 77 -14.91 -5.37 9.18
C GLU C 77 -14.10 -5.12 7.90
N LEU C 78 -14.79 -4.94 6.78
CA LEU C 78 -14.11 -4.76 5.46
C LEU C 78 -13.28 -3.47 5.48
N GLU C 79 -13.86 -2.39 6.02
CA GLU C 79 -13.16 -1.08 6.07
C GLU C 79 -11.86 -1.27 6.85
N GLU C 80 -11.94 -1.92 8.01
CA GLU C 80 -10.79 -2.03 8.95
C GLU C 80 -9.74 -2.95 8.32
N SER C 81 -10.17 -4.08 7.76
CA SER C 81 -9.14 -5.01 7.21
C SER C 81 -8.52 -4.32 5.97
N ALA C 82 -9.25 -3.68 5.06
CA ALA C 82 -8.75 -3.01 3.83
C ALA C 82 -7.75 -1.93 4.25
N ARG C 83 -8.06 -1.37 5.44
N ARG C 83 -8.21 -0.94 5.03
CA ARG C 83 -7.17 -0.29 5.95
CA ARG C 83 -7.20 0.07 5.45
C ARG C 83 -5.81 -0.89 6.34
C ARG C 83 -5.85 -0.55 5.80
N ARG C 84 -5.84 -2.07 6.96
N ARG C 84 -5.81 -1.69 6.50
CA ARG C 84 -4.58 -2.78 7.30
CA ARG C 84 -4.59 -2.33 7.05
C ARG C 84 -3.88 -3.23 6.01
C ARG C 84 -3.95 -3.30 6.04
N GLY C 85 -4.51 -3.25 4.83
CA GLY C 85 -3.99 -3.95 3.64
C GLY C 85 -4.19 -5.44 3.82
N GLU C 86 -5.15 -5.92 4.62
CA GLU C 86 -5.33 -7.36 4.90
C GLU C 86 -6.54 -7.68 4.02
N LEU C 87 -6.32 -8.32 2.87
CA LEU C 87 -7.42 -8.47 1.87
C LEU C 87 -7.90 -9.93 1.80
N GLN C 88 -7.23 -10.83 2.53
N GLN C 88 -7.31 -10.88 2.55
CA GLN C 88 -7.66 -12.26 2.48
CA GLN C 88 -7.75 -12.28 2.33
C GLN C 88 -9.17 -12.38 2.71
C GLN C 88 -9.15 -12.55 2.89
N ARG C 89 -9.66 -11.61 3.70
CA ARG C 89 -11.07 -11.81 4.13
C ARG C 89 -12.00 -11.05 3.18
N ALA C 90 -11.56 -10.21 2.23
CA ALA C 90 -12.42 -9.30 1.46
C ALA C 90 -13.46 -10.09 0.67
N PRO C 91 -13.09 -11.19 -0.04
CA PRO C 91 -14.11 -11.90 -0.82
C PRO C 91 -15.23 -12.40 0.10
N ALA C 92 -14.86 -13.02 1.22
CA ALA C 92 -15.88 -13.61 2.13
C ALA C 92 -16.73 -12.51 2.78
N LEU C 93 -16.12 -11.36 3.12
CA LEU C 93 -16.94 -10.28 3.72
C LEU C 93 -17.90 -9.72 2.65
N ILE C 94 -17.52 -9.52 1.39
CA ILE C 94 -18.41 -9.05 0.28
C ILE C 94 -19.57 -10.04 0.19
N GLU C 95 -19.23 -11.34 0.25
N GLU C 95 -19.28 -11.36 0.28
CA GLU C 95 -20.28 -12.38 0.17
CA GLU C 95 -20.40 -12.32 0.08
C GLU C 95 -21.28 -12.20 1.31
C GLU C 95 -21.28 -12.32 1.34
N GLN C 96 -20.75 -12.02 2.52
CA GLN C 96 -21.57 -11.88 3.76
C GLN C 96 -22.47 -10.65 3.57
N MET C 97 -21.89 -9.59 3.01
CA MET C 97 -22.62 -8.32 2.77
C MET C 97 -23.74 -8.62 1.77
N GLU C 98 -23.52 -9.39 0.70
CA GLU C 98 -24.57 -9.67 -0.33
C GLU C 98 -25.66 -10.50 0.34
N ARG C 99 -25.36 -11.46 1.22
N ARG C 99 -25.33 -11.49 1.17
CA ARG C 99 -26.39 -12.33 1.84
CA ARG C 99 -26.43 -12.28 1.79
C ARG C 99 -27.22 -11.54 2.87
C ARG C 99 -27.26 -11.33 2.66
N GLU C 100 -26.58 -10.59 3.54
CA GLU C 100 -27.22 -9.81 4.63
C GLU C 100 -28.06 -8.75 3.90
N PHE C 101 -27.49 -8.09 2.89
CA PHE C 101 -28.20 -7.04 2.10
C PHE C 101 -29.44 -7.67 1.46
N ALA C 102 -29.45 -8.93 0.99
CA ALA C 102 -30.66 -9.48 0.37
C ALA C 102 -31.77 -9.58 1.43
N ILE C 103 -31.43 -9.82 2.71
CA ILE C 103 -32.46 -9.86 3.78
C ILE C 103 -33.02 -8.44 3.91
N VAL C 104 -32.12 -7.48 4.16
CA VAL C 104 -32.62 -6.09 4.35
C VAL C 104 -33.49 -5.70 3.15
N ARG C 105 -33.10 -5.96 1.89
CA ARG C 105 -33.77 -5.59 0.63
C ARG C 105 -35.19 -6.15 0.74
N ILE C 106 -35.36 -7.46 0.96
CA ILE C 106 -36.76 -8.00 0.90
C ILE C 106 -37.60 -7.35 2.00
N LEU C 107 -37.06 -7.21 3.22
CA LEU C 107 -37.75 -6.54 4.35
C LEU C 107 -38.14 -5.13 3.90
N PHE C 108 -37.23 -4.39 3.27
CA PHE C 108 -37.57 -3.04 2.78
C PHE C 108 -38.63 -3.03 1.67
N LYS C 109 -38.60 -4.03 0.78
CA LYS C 109 -39.58 -4.09 -0.33
C LYS C 109 -40.96 -4.39 0.26
N GLN C 110 -40.99 -5.16 1.35
CA GLN C 110 -42.27 -5.52 2.01
C GLN C 110 -42.80 -4.28 2.75
N GLU C 111 -41.92 -3.62 3.52
CA GLU C 111 -42.37 -2.41 4.25
C GLU C 111 -42.80 -1.36 3.24
N ARG C 112 -42.09 -1.16 2.12
CA ARG C 112 -42.40 -0.16 1.06
C ARG C 112 -43.82 -0.35 0.55
N GLN C 113 -44.23 -1.62 0.41
CA GLN C 113 -45.55 -1.99 -0.16
C GLN C 113 -46.68 -1.41 0.70
N ARG C 114 -46.42 -1.09 1.97
CA ARG C 114 -47.47 -0.63 2.93
C ARG C 114 -47.85 0.83 2.64
N TYR C 115 -47.02 1.53 1.87
CA TYR C 115 -47.16 2.96 1.51
C TYR C 115 -47.71 3.06 0.08
N ARG C 116 -48.37 4.18 -0.20
CA ARG C 116 -48.67 4.52 -1.62
C ARG C 116 -47.36 4.70 -2.38
N SER D 2 30.26 16.08 -19.48
CA SER D 2 30.95 16.22 -18.16
C SER D 2 30.69 14.97 -17.32
N ALA D 3 31.35 13.91 -17.78
CA ALA D 3 31.28 12.54 -17.22
CA ALA D 3 31.28 12.54 -17.22
C ALA D 3 31.75 12.58 -15.77
N PRO D 4 31.19 11.74 -14.87
CA PRO D 4 30.11 10.80 -15.17
C PRO D 4 28.69 11.36 -15.07
N HIS D 5 28.56 12.64 -14.70
CA HIS D 5 27.31 13.35 -14.34
C HIS D 5 26.47 13.54 -15.61
N LEU D 6 27.17 13.90 -16.68
CA LEU D 6 26.39 14.21 -17.91
C LEU D 6 27.00 13.33 -19.01
N ASP D 7 26.10 12.76 -19.83
CA ASP D 7 26.48 12.00 -21.05
C ASP D 7 26.51 13.00 -22.21
N ASP D 8 27.74 13.43 -22.53
CA ASP D 8 27.94 14.59 -23.44
C ASP D 8 27.36 14.25 -24.81
N ARG D 9 27.25 12.98 -25.22
N ARG D 9 27.27 12.97 -25.16
CA ARG D 9 26.73 12.76 -26.60
CA ARG D 9 26.72 12.59 -26.50
C ARG D 9 25.19 12.85 -26.64
C ARG D 9 25.25 12.98 -26.56
N VAL D 10 24.50 12.62 -25.51
CA VAL D 10 23.05 12.97 -25.45
C VAL D 10 22.92 14.48 -25.66
N LEU D 11 23.69 15.27 -24.90
CA LEU D 11 23.60 16.75 -25.02
C LEU D 11 24.12 17.20 -26.40
N ALA D 12 25.12 16.53 -26.96
CA ALA D 12 25.61 16.98 -28.29
C ALA D 12 24.49 16.82 -29.32
N SER D 13 23.84 15.66 -29.27
CA SER D 13 22.70 15.44 -30.19
C SER D 13 21.61 16.50 -29.97
N LEU D 14 21.20 16.72 -28.72
CA LEU D 14 20.11 17.69 -28.44
C LEU D 14 20.50 19.06 -29.01
N GLN D 15 21.75 19.52 -28.90
CA GLN D 15 22.19 20.85 -29.39
C GLN D 15 22.08 20.91 -30.92
N GLU D 16 22.54 19.82 -31.57
CA GLU D 16 22.46 19.75 -33.05
C GLU D 16 20.99 19.84 -33.48
N VAL D 17 20.09 19.06 -32.86
CA VAL D 17 18.64 19.08 -33.23
C VAL D 17 18.03 20.43 -32.87
N MET D 18 18.21 20.88 -31.62
CA MET D 18 17.37 21.98 -31.09
C MET D 18 17.94 23.36 -31.43
N GLU D 19 19.22 23.48 -31.78
CA GLU D 19 19.77 24.80 -32.21
C GLU D 19 19.49 25.87 -31.16
N ASP D 20 18.66 26.84 -31.54
N ASP D 20 18.83 27.00 -31.43
CA ASP D 20 18.35 28.06 -30.75
CA ASP D 20 18.64 28.08 -30.43
C ASP D 20 17.66 27.67 -29.44
C ASP D 20 17.53 27.76 -29.42
N GLU D 21 16.91 26.57 -29.47
CA GLU D 21 16.04 26.13 -28.34
C GLU D 21 16.93 25.47 -27.29
N TYR D 22 18.15 25.04 -27.64
CA TYR D 22 18.99 24.29 -26.67
C TYR D 22 19.24 25.06 -25.37
N PRO D 23 19.65 26.34 -25.36
CA PRO D 23 19.85 27.07 -24.11
C PRO D 23 18.59 27.16 -23.22
N VAL D 24 17.44 27.28 -23.90
CA VAL D 24 16.11 27.30 -23.24
C VAL D 24 15.89 25.99 -22.48
N LEU D 25 16.30 24.90 -23.13
CA LEU D 25 16.07 23.56 -22.52
C LEU D 25 16.92 23.49 -21.25
N LEU D 26 18.16 23.99 -21.25
CA LEU D 26 19.06 23.94 -20.06
C LEU D 26 18.31 24.66 -18.92
N ASP D 27 17.76 25.86 -19.20
CA ASP D 27 17.13 26.72 -18.18
C ASP D 27 15.87 25.98 -17.71
N THR D 28 15.09 25.41 -18.64
N THR D 28 15.04 25.40 -18.58
CA THR D 28 13.80 24.78 -18.24
CA THR D 28 13.75 24.83 -18.13
C THR D 28 14.11 23.58 -17.34
C THR D 28 14.02 23.50 -17.44
N PHE D 29 15.12 22.79 -17.74
CA PHE D 29 15.48 21.57 -16.99
C PHE D 29 15.68 21.95 -15.52
N VAL D 30 16.44 23.04 -15.33
CA VAL D 30 16.81 23.47 -13.95
C VAL D 30 15.51 23.74 -13.20
N LEU D 31 14.65 24.62 -13.73
CA LEU D 31 13.35 25.02 -13.10
C LEU D 31 12.46 23.79 -12.88
N ASP D 32 12.33 22.93 -13.90
CA ASP D 32 11.42 21.77 -13.74
C ASP D 32 11.95 20.83 -12.64
N SER D 33 13.25 20.58 -12.60
CA SER D 33 13.92 19.67 -11.63
C SER D 33 13.74 20.25 -10.23
N GLU D 34 13.90 21.57 -10.05
CA GLU D 34 13.70 22.20 -8.73
C GLU D 34 12.26 21.98 -8.26
N GLU D 35 11.30 22.07 -9.18
CA GLU D 35 9.90 21.82 -8.77
C GLU D 35 9.76 20.33 -8.40
N ARG D 36 10.34 19.44 -9.21
CA ARG D 36 10.20 17.99 -8.92
C ARG D 36 10.77 17.78 -7.50
N LEU D 37 11.95 18.32 -7.20
CA LEU D 37 12.55 18.10 -5.85
C LEU D 37 11.60 18.64 -4.76
N ARG D 38 11.01 19.82 -4.96
CA ARG D 38 10.06 20.36 -3.94
C ARG D 38 8.90 19.37 -3.80
N SER D 39 8.43 18.74 -4.89
N SER D 39 8.43 18.86 -4.95
CA SER D 39 7.27 17.81 -4.80
CA SER D 39 7.34 17.85 -4.98
C SER D 39 7.68 16.54 -4.04
C SER D 39 7.74 16.68 -4.08
N LEU D 40 8.92 16.09 -4.27
CA LEU D 40 9.44 14.87 -3.59
C LEU D 40 9.49 15.18 -2.10
N HIS D 41 10.03 16.35 -1.71
CA HIS D 41 10.09 16.60 -0.25
C HIS D 41 8.64 16.59 0.25
N ALA D 42 7.67 17.20 -0.44
CA ALA D 42 6.28 17.27 0.04
C ALA D 42 5.76 15.84 0.20
N ALA D 43 5.99 15.00 -0.81
CA ALA D 43 5.47 13.61 -0.82
C ALA D 43 6.09 12.89 0.38
N LEU D 44 7.38 13.10 0.65
CA LEU D 44 8.09 12.34 1.73
C LEU D 44 7.49 12.79 3.06
N GLN D 45 7.18 14.08 3.24
N GLN D 45 7.23 14.09 3.26
CA GLN D 45 6.64 14.56 4.54
CA GLN D 45 6.61 14.65 4.49
C GLN D 45 5.17 14.19 4.75
C GLN D 45 5.27 13.94 4.73
N ALA D 46 4.50 13.88 3.64
CA ALA D 46 3.11 13.38 3.71
C ALA D 46 3.09 11.86 3.79
N GLY D 47 4.19 11.11 3.70
CA GLY D 47 4.32 9.64 3.59
C GLY D 47 3.55 9.07 2.41
N ASP D 48 3.58 9.80 1.28
CA ASP D 48 2.80 9.49 0.05
C ASP D 48 3.64 8.66 -0.93
N ALA D 49 3.59 7.33 -0.81
CA ALA D 49 4.39 6.36 -1.59
C ALA D 49 4.04 6.54 -3.07
N GLN D 50 2.76 6.72 -3.40
N GLN D 50 2.78 6.72 -3.46
CA GLN D 50 2.40 6.76 -4.84
CA GLN D 50 2.41 6.80 -4.90
C GLN D 50 2.95 8.06 -5.45
C GLN D 50 2.87 8.12 -5.53
N ALA D 51 2.85 9.19 -4.74
CA ALA D 51 3.35 10.50 -5.20
C ALA D 51 4.88 10.41 -5.35
N LEU D 52 5.59 9.78 -4.42
CA LEU D 52 7.06 9.57 -4.56
C LEU D 52 7.30 8.78 -5.86
N ARG D 53 6.38 7.85 -6.15
N ARG D 53 6.70 7.60 -6.00
CA ARG D 53 6.62 6.99 -7.33
CA ARG D 53 6.96 6.79 -7.22
C ARG D 53 6.38 7.82 -8.60
C ARG D 53 6.77 7.51 -8.55
N HIS D 54 5.24 8.52 -8.63
N HIS D 54 5.70 8.29 -8.70
CA HIS D 54 4.85 9.27 -9.86
CA HIS D 54 5.28 8.95 -9.97
C HIS D 54 6.04 10.19 -10.15
C HIS D 54 6.06 10.25 -10.20
N THR D 55 6.38 10.98 -9.13
CA THR D 55 7.28 12.14 -9.38
C THR D 55 8.69 11.63 -9.66
N ALA D 56 9.20 10.59 -9.00
CA ALA D 56 10.49 9.95 -9.33
C ALA D 56 10.49 9.57 -10.83
N HIS D 57 9.41 8.88 -11.21
CA HIS D 57 9.39 8.35 -12.60
C HIS D 57 9.49 9.56 -13.56
N SER D 58 8.72 10.63 -13.36
N SER D 58 8.75 10.64 -13.33
CA SER D 58 8.84 11.74 -14.34
CA SER D 58 8.72 11.89 -14.13
C SER D 58 10.27 12.29 -14.31
C SER D 58 10.11 12.52 -14.25
N PHE D 59 10.78 12.51 -13.09
CA PHE D 59 12.12 13.14 -12.93
C PHE D 59 13.15 12.25 -13.64
N LYS D 60 13.05 10.92 -13.62
CA LYS D 60 13.93 9.94 -14.31
C LYS D 60 13.86 10.23 -15.81
N GLY D 61 12.66 10.45 -16.34
CA GLY D 61 12.59 10.78 -17.78
C GLY D 61 13.25 12.10 -18.12
N GLY D 62 12.87 13.15 -17.39
CA GLY D 62 13.38 14.50 -17.70
C GLY D 62 14.90 14.45 -17.60
N SER D 63 15.47 13.80 -16.59
CA SER D 63 16.93 13.68 -16.35
C SER D 63 17.55 12.98 -17.56
N SER D 64 16.93 11.88 -17.98
N SER D 64 17.03 11.82 -17.99
CA SER D 64 17.46 11.02 -19.08
CA SER D 64 17.57 11.02 -19.12
C SER D 64 17.54 11.89 -20.35
C SER D 64 17.58 11.93 -20.35
N ASN D 65 16.53 12.72 -20.58
CA ASN D 65 16.35 13.45 -21.86
C ASN D 65 17.47 14.50 -21.86
N MET D 66 17.88 15.02 -20.70
CA MET D 66 18.96 16.05 -20.68
C MET D 66 20.33 15.45 -20.34
N GLY D 67 20.51 14.12 -20.44
CA GLY D 67 21.83 13.47 -20.27
C GLY D 67 22.31 13.47 -18.83
N ALA D 68 21.38 13.72 -17.90
CA ALA D 68 21.80 13.65 -16.48
C ALA D 68 21.61 12.22 -15.97
N VAL D 69 22.52 11.33 -16.41
N VAL D 69 22.55 11.31 -16.27
CA VAL D 69 22.45 9.84 -16.29
CA VAL D 69 22.26 9.85 -16.23
C VAL D 69 22.36 9.51 -14.79
C VAL D 69 22.50 9.31 -14.82
N LEU D 70 23.33 10.00 -14.02
CA LEU D 70 23.48 9.54 -12.61
C LEU D 70 22.21 9.97 -11.85
N LEU D 71 21.75 11.21 -12.05
CA LEU D 71 20.50 11.73 -11.46
C LEU D 71 19.34 10.79 -11.84
N ALA D 72 19.31 10.41 -13.11
CA ALA D 72 18.21 9.55 -13.59
C ALA D 72 18.24 8.22 -12.83
N GLY D 73 19.43 7.66 -12.61
CA GLY D 73 19.60 6.41 -11.85
C GLY D 73 19.03 6.52 -10.44
N TYR D 74 19.27 7.64 -9.73
CA TYR D 74 18.69 7.77 -8.37
C TYR D 74 17.16 7.89 -8.43
N CYS D 75 16.65 8.56 -9.46
CA CYS D 75 15.18 8.74 -9.66
C CYS D 75 14.64 7.32 -9.83
N LYS D 76 15.29 6.48 -10.64
N LYS D 76 15.29 6.48 -10.64
CA LYS D 76 14.80 5.09 -10.88
CA LYS D 76 14.80 5.10 -10.88
C LYS D 76 14.81 4.28 -9.58
C LYS D 76 14.81 4.28 -9.58
N GLU D 77 15.87 4.41 -8.77
CA GLU D 77 15.89 3.71 -7.46
C GLU D 77 14.69 4.16 -6.61
N LEU D 78 14.43 5.47 -6.54
CA LEU D 78 13.29 5.96 -5.74
C LEU D 78 11.98 5.37 -6.30
N GLU D 79 11.79 5.51 -7.61
CA GLU D 79 10.52 4.98 -8.20
C GLU D 79 10.33 3.52 -7.78
N GLU D 80 11.38 2.70 -7.91
CA GLU D 80 11.31 1.24 -7.67
C GLU D 80 11.03 1.02 -6.18
N SER D 81 11.74 1.74 -5.30
N SER D 81 11.85 1.66 -5.33
CA SER D 81 11.58 1.45 -3.84
CA SER D 81 11.61 1.57 -3.86
C SER D 81 10.21 1.93 -3.35
C SER D 81 10.13 1.81 -3.55
N ALA D 82 9.65 3.01 -3.91
CA ALA D 82 8.29 3.52 -3.62
C ALA D 82 7.24 2.51 -4.08
N ARG D 83 7.45 1.99 -5.30
N ARG D 83 7.43 2.03 -5.32
CA ARG D 83 6.46 1.03 -5.85
CA ARG D 83 6.50 1.02 -5.89
C ARG D 83 6.39 -0.20 -4.94
C ARG D 83 6.39 -0.14 -4.89
N ARG D 84 7.54 -0.61 -4.39
CA ARG D 84 7.66 -1.78 -3.49
C ARG D 84 7.20 -1.43 -2.06
N GLY D 85 6.95 -0.16 -1.75
CA GLY D 85 6.65 0.28 -0.37
C GLY D 85 7.84 0.31 0.57
N GLU D 86 9.07 0.32 0.06
CA GLU D 86 10.34 0.33 0.84
C GLU D 86 10.77 1.78 1.05
N LEU D 87 9.99 2.48 1.89
CA LEU D 87 10.14 3.95 2.05
C LEU D 87 11.36 4.29 2.91
N GLN D 88 11.98 3.33 3.58
CA GLN D 88 13.12 3.69 4.48
C GLN D 88 14.21 4.31 3.61
N ARG D 89 14.34 3.93 2.33
CA ARG D 89 15.47 4.45 1.52
C ARG D 89 15.10 5.84 0.98
N ALA D 90 13.86 6.32 1.07
CA ALA D 90 13.41 7.55 0.36
C ALA D 90 14.17 8.77 0.86
N PRO D 91 14.33 9.02 2.18
CA PRO D 91 14.98 10.28 2.55
C PRO D 91 16.40 10.35 1.94
N ALA D 92 17.16 9.26 2.04
CA ALA D 92 18.57 9.24 1.58
C ALA D 92 18.60 9.41 0.05
N LEU D 93 17.68 8.72 -0.64
CA LEU D 93 17.69 8.79 -2.12
C LEU D 93 17.45 10.25 -2.54
N ILE D 94 16.51 10.97 -1.92
CA ILE D 94 16.14 12.39 -2.21
C ILE D 94 17.39 13.24 -1.93
N GLU D 95 17.98 13.13 -0.75
N GLU D 95 18.15 12.81 -0.92
CA GLU D 95 19.27 13.85 -0.56
CA GLU D 95 19.34 13.59 -0.51
C GLU D 95 20.33 13.47 -1.61
C GLU D 95 20.34 13.50 -1.68
N GLN D 96 20.54 12.25 -2.10
CA GLN D 96 21.47 11.92 -3.22
C GLN D 96 21.01 12.72 -4.44
N MET D 97 19.70 12.81 -4.70
N MET D 97 19.70 12.68 -4.73
CA MET D 97 19.23 13.50 -5.93
CA MET D 97 19.18 13.50 -5.86
C MET D 97 19.47 15.02 -5.83
C MET D 97 19.71 14.93 -5.75
N GLU D 98 19.40 15.56 -4.61
CA GLU D 98 19.72 16.99 -4.33
C GLU D 98 21.21 17.18 -4.64
N ARG D 99 22.12 16.32 -4.17
N ARG D 99 22.09 16.31 -4.14
CA ARG D 99 23.59 16.52 -4.32
CA ARG D 99 23.56 16.54 -4.28
C ARG D 99 23.98 16.36 -5.80
C ARG D 99 23.89 16.40 -5.77
N GLU D 100 23.33 15.40 -6.46
CA GLU D 100 23.72 15.15 -7.87
C GLU D 100 23.10 16.25 -8.73
N PHE D 101 21.86 16.69 -8.49
CA PHE D 101 21.20 17.81 -9.22
C PHE D 101 22.09 19.05 -9.05
N ALA D 102 22.64 19.30 -7.86
CA ALA D 102 23.41 20.56 -7.68
C ALA D 102 24.56 20.53 -8.70
N ILE D 103 25.17 19.38 -9.00
CA ILE D 103 26.28 19.25 -9.98
C ILE D 103 25.67 19.62 -11.34
N VAL D 104 24.61 18.90 -11.71
CA VAL D 104 24.03 19.13 -13.06
C VAL D 104 23.73 20.62 -13.19
N ARG D 105 23.12 21.25 -12.16
CA ARG D 105 22.68 22.67 -12.18
C ARG D 105 23.92 23.51 -12.49
N ILE D 106 25.02 23.35 -11.76
CA ILE D 106 26.14 24.32 -12.00
C ILE D 106 26.72 24.07 -13.40
N LEU D 107 26.80 22.81 -13.85
CA LEU D 107 27.34 22.55 -15.21
C LEU D 107 26.37 23.23 -16.19
N PHE D 108 25.06 23.12 -15.98
CA PHE D 108 24.11 23.72 -16.95
C PHE D 108 24.23 25.25 -16.87
N LYS D 109 24.46 25.87 -15.72
CA LYS D 109 24.57 27.36 -15.66
C LYS D 109 25.89 27.74 -16.36
N GLN D 110 26.94 26.93 -16.24
CA GLN D 110 28.23 27.21 -16.93
C GLN D 110 27.98 27.19 -18.45
N GLU D 111 27.31 26.11 -18.89
CA GLU D 111 27.06 25.88 -20.33
C GLU D 111 26.17 27.03 -20.82
N ARG D 112 25.12 27.45 -20.11
CA ARG D 112 24.10 28.43 -20.58
C ARG D 112 24.84 29.74 -20.86
N GLN D 113 25.93 30.06 -20.16
CA GLN D 113 26.69 31.33 -20.33
C GLN D 113 27.35 31.36 -21.71
N ARG D 114 27.48 30.22 -22.40
N ARG D 114 27.36 30.27 -22.46
CA ARG D 114 28.06 30.06 -23.76
CA ARG D 114 28.02 30.20 -23.80
C ARG D 114 27.11 30.70 -24.79
C ARG D 114 27.00 30.49 -24.91
N TYR D 115 25.86 31.02 -24.46
CA TYR D 115 24.77 31.34 -25.43
C TYR D 115 24.20 32.71 -25.04
N ARG D 116 23.67 33.40 -26.06
N ARG D 116 23.64 33.44 -26.02
CA ARG D 116 22.98 34.69 -25.81
CA ARG D 116 22.88 34.70 -25.78
C ARG D 116 21.80 34.57 -24.84
C ARG D 116 21.81 34.61 -24.69
N SER E 2 10.97 -1.19 10.04
CA SER E 2 11.93 -2.23 9.59
C SER E 2 13.21 -2.14 10.43
N ALA E 3 13.76 -3.31 10.80
CA ALA E 3 15.18 -3.48 11.18
C ALA E 3 16.08 -2.91 10.10
N PRO E 4 17.21 -2.21 10.40
CA PRO E 4 17.74 -2.04 11.76
C PRO E 4 17.22 -0.79 12.50
N HIS E 5 16.38 0.00 11.84
CA HIS E 5 15.93 1.34 12.32
C HIS E 5 14.99 1.18 13.52
N LEU E 6 14.10 0.21 13.36
CA LEU E 6 12.99 0.02 14.34
C LEU E 6 13.14 -1.40 14.92
N ASP E 7 12.93 -1.53 16.23
CA ASP E 7 12.86 -2.86 16.90
C ASP E 7 11.37 -3.23 16.95
N ASP E 8 10.89 -4.07 16.03
N ASP E 8 10.96 -4.07 16.00
CA ASP E 8 9.45 -4.25 15.72
CA ASP E 8 9.64 -4.72 15.81
C ASP E 8 8.76 -4.90 16.92
C ASP E 8 9.15 -5.19 17.17
N ARG E 9 9.54 -5.57 17.76
N ARG E 9 10.01 -5.75 18.04
CA ARG E 9 9.00 -6.24 18.98
CA ARG E 9 9.47 -6.36 19.29
C ARG E 9 8.89 -5.29 20.18
C ARG E 9 8.81 -5.23 20.08
N VAL E 10 9.57 -4.15 20.22
CA VAL E 10 9.21 -3.01 21.13
C VAL E 10 7.87 -2.47 20.62
N LEU E 11 7.74 -2.27 19.31
CA LEU E 11 6.50 -1.70 18.72
C LEU E 11 5.32 -2.69 18.81
N ALA E 12 5.60 -3.98 18.68
CA ALA E 12 4.50 -4.97 18.78
C ALA E 12 3.98 -4.97 20.22
N SER E 13 4.87 -4.90 21.20
CA SER E 13 4.38 -4.83 22.60
C SER E 13 3.55 -3.55 22.78
N LEU E 14 4.09 -2.42 22.35
CA LEU E 14 3.38 -1.12 22.52
C LEU E 14 1.97 -1.20 21.93
N GLN E 15 1.85 -1.77 20.73
N GLN E 15 1.80 -1.75 20.72
CA GLN E 15 0.54 -1.77 20.02
CA GLN E 15 0.47 -1.70 20.06
C GLN E 15 -0.42 -2.60 20.89
C GLN E 15 -0.44 -2.62 20.87
N GLU E 16 0.10 -3.75 21.35
CA GLU E 16 -0.72 -4.67 22.18
C GLU E 16 -1.22 -3.98 23.46
N VAL E 17 -0.33 -3.32 24.21
CA VAL E 17 -0.72 -2.54 25.42
C VAL E 17 -1.64 -1.36 25.09
N MET E 18 -1.28 -0.48 24.14
CA MET E 18 -1.93 0.84 24.03
C MET E 18 -3.19 0.85 23.15
N GLU E 19 -3.31 -0.21 22.34
CA GLU E 19 -4.46 -0.39 21.43
C GLU E 19 -4.77 0.91 20.69
N ASP E 20 -5.88 1.59 20.96
CA ASP E 20 -6.30 2.86 20.31
C ASP E 20 -5.26 3.98 20.46
N GLU E 21 -4.48 4.03 21.54
CA GLU E 21 -3.54 5.16 21.75
C GLU E 21 -2.32 4.90 20.88
N TYR E 22 -2.14 3.70 20.31
CA TYR E 22 -0.87 3.42 19.59
C TYR E 22 -0.66 4.43 18.48
N PRO E 23 -1.65 4.68 17.58
CA PRO E 23 -1.45 5.62 16.49
C PRO E 23 -1.13 7.04 16.97
N VAL E 24 -1.70 7.47 18.11
CA VAL E 24 -1.49 8.81 18.72
C VAL E 24 -0.01 8.89 19.12
N LEU E 25 0.51 7.77 19.62
CA LEU E 25 1.93 7.75 20.08
C LEU E 25 2.84 7.88 18.87
N LEU E 26 2.54 7.21 17.75
CA LEU E 26 3.35 7.40 16.52
C LEU E 26 3.42 8.90 16.21
N ASP E 27 2.27 9.58 16.18
CA ASP E 27 2.10 11.01 15.79
C ASP E 27 2.89 11.84 16.80
N THR E 28 2.69 11.58 18.10
N THR E 28 2.72 11.64 18.12
CA THR E 28 3.31 12.41 19.15
CA THR E 28 3.37 12.52 19.13
C THR E 28 4.84 12.23 19.06
C THR E 28 4.88 12.22 19.17
N PHE E 29 5.35 11.04 18.79
CA PHE E 29 6.81 10.78 18.72
C PHE E 29 7.38 11.70 17.63
N VAL E 30 6.64 11.81 16.52
CA VAL E 30 7.16 12.63 15.37
C VAL E 30 7.27 14.08 15.85
N LEU E 31 6.20 14.63 16.46
CA LEU E 31 6.16 16.06 16.86
C LEU E 31 7.18 16.27 17.98
N ASP E 32 7.28 15.35 18.94
CA ASP E 32 8.18 15.59 20.10
C ASP E 32 9.63 15.57 19.57
N SER E 33 9.92 14.65 18.65
CA SER E 33 11.29 14.45 18.10
C SER E 33 11.62 15.67 17.24
N GLU E 34 10.70 16.26 16.48
CA GLU E 34 10.99 17.46 15.67
C GLU E 34 11.32 18.62 16.62
N GLU E 35 10.73 18.58 17.82
N GLU E 35 10.51 18.82 17.66
CA GLU E 35 10.94 19.75 18.71
CA GLU E 35 10.87 19.76 18.76
C GLU E 35 12.30 19.53 19.37
C GLU E 35 12.29 19.50 19.27
N ARG E 36 12.66 18.27 19.66
CA ARG E 36 13.99 17.94 20.25
C ARG E 36 15.05 18.39 19.23
N LEU E 37 14.84 18.07 17.95
CA LEU E 37 15.89 18.39 16.96
C LEU E 37 16.03 19.91 16.87
N ARG E 38 14.94 20.67 16.84
CA ARG E 38 14.99 22.16 16.81
C ARG E 38 15.79 22.61 18.04
N SER E 39 15.52 22.02 19.22
CA SER E 39 16.20 22.41 20.47
C SER E 39 17.70 22.10 20.32
N LEU E 40 18.10 20.96 19.76
CA LEU E 40 19.53 20.58 19.61
C LEU E 40 20.20 21.61 18.69
N HIS E 41 19.55 21.98 17.58
CA HIS E 41 20.21 22.97 16.68
C HIS E 41 20.37 24.29 17.43
N ALA E 42 19.39 24.69 18.24
CA ALA E 42 19.47 25.98 18.96
C ALA E 42 20.62 25.86 19.97
N ALA E 43 20.76 24.72 20.67
CA ALA E 43 21.79 24.51 21.71
C ALA E 43 23.14 24.61 20.99
N LEU E 44 23.27 23.96 19.82
CA LEU E 44 24.58 23.85 19.12
C LEU E 44 24.97 25.27 18.69
N GLN E 45 24.05 26.10 18.22
CA GLN E 45 24.32 27.51 17.78
C GLN E 45 24.73 28.36 18.98
N ALA E 46 24.20 28.05 20.16
CA ALA E 46 24.57 28.85 21.36
C ALA E 46 25.84 28.25 21.97
N GLY E 47 26.44 27.12 21.58
CA GLY E 47 27.54 26.34 22.18
C GLY E 47 27.23 25.97 23.63
N ASP E 48 25.97 25.55 23.85
CA ASP E 48 25.40 25.17 25.17
C ASP E 48 25.50 23.65 25.34
N ALA E 49 26.56 23.16 25.97
CA ALA E 49 26.94 21.75 26.19
C ALA E 49 25.84 21.19 27.12
N GLN E 50 25.39 21.88 28.17
N GLN E 50 25.47 21.94 28.17
CA GLN E 50 24.46 21.17 29.08
CA GLN E 50 24.46 21.50 29.16
C GLN E 50 23.05 21.10 28.49
C GLN E 50 23.20 21.09 28.37
N ALA E 51 22.64 22.04 27.61
CA ALA E 51 21.39 21.91 26.85
C ALA E 51 21.54 20.75 25.86
N LEU E 52 22.67 20.62 25.15
CA LEU E 52 22.89 19.46 24.25
C LEU E 52 22.70 18.17 25.06
N ARG E 53 23.25 18.20 26.27
N ARG E 53 23.53 17.87 26.06
CA ARG E 53 23.25 16.98 27.13
CA ARG E 53 23.60 16.55 26.75
C ARG E 53 21.80 16.73 27.56
C ARG E 53 22.23 16.15 27.30
N HIS E 54 21.09 17.76 28.04
N HIS E 54 21.39 17.08 27.76
CA HIS E 54 19.73 17.50 28.57
CA HIS E 54 20.08 16.89 28.44
C HIS E 54 18.92 16.83 27.46
C HIS E 54 18.88 16.87 27.48
N THR E 55 18.95 17.60 26.36
CA THR E 55 17.98 17.31 25.27
C THR E 55 18.34 15.98 24.62
N ALA E 56 19.61 15.63 24.39
CA ALA E 56 20.08 14.33 23.89
C ALA E 56 19.54 13.23 24.82
N HIS E 57 19.68 13.47 26.12
CA HIS E 57 19.25 12.36 27.02
C HIS E 57 17.74 12.12 26.91
N SER E 58 16.94 13.19 26.85
N SER E 58 16.95 13.19 26.81
CA SER E 58 15.47 13.00 26.68
CA SER E 58 15.47 13.26 26.68
C SER E 58 15.26 12.19 25.40
C SER E 58 15.02 12.56 25.39
N PHE E 59 15.80 12.78 24.33
CA PHE E 59 15.53 12.17 22.99
C PHE E 59 15.96 10.70 22.99
N LYS E 60 17.01 10.22 23.66
CA LYS E 60 17.46 8.82 23.75
C LYS E 60 16.30 8.02 24.36
N GLY E 61 15.78 8.56 25.47
CA GLY E 61 14.67 7.81 26.11
C GLY E 61 13.45 7.63 25.24
N GLY E 62 12.98 8.76 24.69
CA GLY E 62 11.76 8.81 23.86
C GLY E 62 12.01 7.84 22.72
N SER E 63 13.15 7.91 22.04
CA SER E 63 13.54 7.02 20.90
C SER E 63 13.47 5.55 21.33
N SER E 64 14.08 5.21 22.47
N SER E 64 14.06 5.24 22.49
CA SER E 64 14.06 3.82 23.00
CA SER E 64 14.08 3.87 23.04
C SER E 64 12.62 3.34 23.20
C SER E 64 12.66 3.35 23.27
N ASN E 65 11.78 4.25 23.71
CA ASN E 65 10.43 3.77 24.12
C ASN E 65 9.65 3.51 22.83
N MET E 66 10.00 4.18 21.74
CA MET E 66 9.29 3.90 20.46
C MET E 66 10.04 2.94 19.52
N GLY E 67 11.08 2.24 19.98
CA GLY E 67 11.84 1.21 19.25
C GLY E 67 12.72 1.80 18.16
N ALA E 68 12.96 3.11 18.32
CA ALA E 68 13.92 3.71 17.36
C ALA E 68 15.36 3.56 17.86
N VAL E 69 15.89 2.34 17.77
CA VAL E 69 17.11 1.90 18.53
C VAL E 69 18.35 2.58 17.93
N LEU E 70 18.44 2.76 16.60
CA LEU E 70 19.67 3.38 16.05
C LEU E 70 19.66 4.87 16.42
N LEU E 71 18.50 5.54 16.31
CA LEU E 71 18.34 6.96 16.69
C LEU E 71 18.72 7.13 18.17
N ALA E 72 18.25 6.18 18.99
CA ALA E 72 18.59 6.25 20.43
C ALA E 72 20.11 6.18 20.62
N GLY E 73 20.83 5.32 19.89
CA GLY E 73 22.29 5.18 19.92
C GLY E 73 22.97 6.51 19.64
N TYR E 74 22.45 7.22 18.64
CA TYR E 74 23.10 8.51 18.25
C TYR E 74 22.89 9.52 19.40
N CYS E 75 21.69 9.52 19.98
CA CYS E 75 21.36 10.47 21.07
C CYS E 75 22.33 10.15 22.21
N LYS E 76 22.55 8.87 22.52
CA LYS E 76 23.45 8.46 23.63
C LYS E 76 24.86 8.98 23.34
N GLU E 77 25.30 8.90 22.08
CA GLU E 77 26.66 9.41 21.80
C GLU E 77 26.73 10.92 22.01
N LEU E 78 25.67 11.67 21.66
CA LEU E 78 25.60 13.14 21.81
C LEU E 78 25.64 13.38 23.33
N GLU E 79 24.76 12.70 24.07
CA GLU E 79 24.67 13.00 25.52
C GLU E 79 26.08 12.91 26.13
N GLU E 80 26.80 11.83 25.80
N GLU E 80 26.83 11.87 25.75
CA GLU E 80 28.10 11.57 26.49
CA GLU E 80 28.10 11.45 26.43
C GLU E 80 29.07 12.68 26.02
C GLU E 80 29.28 12.28 25.90
N SER E 81 29.12 12.83 24.70
CA SER E 81 30.06 13.82 24.10
C SER E 81 29.89 15.14 24.87
N ALA E 82 28.65 15.63 25.01
CA ALA E 82 28.21 16.91 25.61
C ALA E 82 28.55 16.89 27.12
N ARG E 83 28.39 15.73 27.76
CA ARG E 83 28.71 15.64 29.22
C ARG E 83 30.21 15.92 29.38
N ARG E 84 31.03 15.32 28.51
CA ARG E 84 32.51 15.40 28.59
C ARG E 84 33.06 16.74 28.07
N GLY E 85 32.15 17.57 27.55
CA GLY E 85 32.47 18.88 26.93
C GLY E 85 33.20 18.69 25.60
N GLU E 86 33.09 17.57 24.88
CA GLU E 86 33.74 17.15 23.62
C GLU E 86 32.81 17.47 22.44
N LEU E 87 32.66 18.76 22.09
CA LEU E 87 31.59 19.27 21.21
C LEU E 87 31.97 19.18 19.72
N GLN E 88 33.20 18.76 19.41
N GLN E 88 33.16 18.72 19.31
CA GLN E 88 33.57 18.74 17.96
CA GLN E 88 33.56 18.69 17.88
C GLN E 88 32.60 17.79 17.23
C GLN E 88 32.93 17.52 17.12
N ARG E 89 32.22 16.68 17.87
CA ARG E 89 31.40 15.62 17.21
C ARG E 89 29.95 16.14 17.12
N ALA E 90 29.50 17.18 17.83
CA ALA E 90 28.06 17.51 18.01
C ALA E 90 27.43 17.84 16.65
N PRO E 91 28.06 18.63 15.76
CA PRO E 91 27.36 18.95 14.51
C PRO E 91 27.07 17.68 13.70
N ALA E 92 28.05 16.79 13.57
CA ALA E 92 27.92 15.54 12.79
C ALA E 92 26.87 14.65 13.45
N LEU E 93 26.88 14.50 14.78
CA LEU E 93 25.90 13.59 15.43
C LEU E 93 24.48 14.10 15.21
N ILE E 94 24.31 15.43 15.27
CA ILE E 94 22.97 16.05 15.04
C ILE E 94 22.59 15.72 13.59
N GLU E 95 23.37 16.05 12.55
N GLU E 95 23.62 15.59 12.74
CA GLU E 95 22.99 15.57 11.19
CA GLU E 95 23.37 15.47 11.28
C GLU E 95 22.76 14.06 11.10
C GLU E 95 22.76 14.07 11.12
N GLN E 96 23.44 13.14 11.79
CA GLN E 96 23.20 11.67 11.81
C GLN E 96 21.79 11.52 12.40
N MET E 97 21.46 12.25 13.48
CA MET E 97 20.12 12.11 14.11
C MET E 97 19.06 12.60 13.11
N GLU E 98 19.31 13.67 12.35
CA GLU E 98 18.30 14.13 11.35
C GLU E 98 18.14 13.03 10.31
N ARG E 99 19.18 12.38 9.79
N ARG E 99 19.22 12.44 9.78
CA ARG E 99 19.03 11.39 8.68
CA ARG E 99 19.08 11.42 8.71
C ARG E 99 18.43 10.06 9.14
C ARG E 99 18.21 10.28 9.26
N GLU E 100 18.65 9.78 10.42
CA GLU E 100 18.04 8.55 11.03
C GLU E 100 16.58 8.86 11.38
N PHE E 101 16.29 10.02 11.99
CA PHE E 101 14.90 10.43 12.30
C PHE E 101 14.06 10.48 11.01
N ALA E 102 14.62 10.94 9.88
CA ALA E 102 13.79 11.03 8.65
C ALA E 102 13.36 9.61 8.30
N ILE E 103 14.16 8.57 8.56
CA ILE E 103 13.75 7.17 8.24
C ILE E 103 12.62 6.79 9.21
N VAL E 104 12.89 6.98 10.50
CA VAL E 104 11.84 6.59 11.49
C VAL E 104 10.55 7.32 11.10
N ARG E 105 10.58 8.63 10.81
CA ARG E 105 9.40 9.47 10.50
C ARG E 105 8.65 8.77 9.35
N ILE E 106 9.32 8.54 8.22
CA ILE E 106 8.51 8.01 7.08
C ILE E 106 7.94 6.65 7.45
N LEU E 107 8.69 5.78 8.15
CA LEU E 107 8.15 4.46 8.58
C LEU E 107 6.94 4.73 9.48
N PHE E 108 7.01 5.67 10.42
CA PHE E 108 5.84 5.94 11.29
C PHE E 108 4.69 6.52 10.46
N LYS E 109 4.92 7.34 9.42
CA LYS E 109 3.79 7.88 8.63
C LYS E 109 3.19 6.71 7.84
N GLN E 110 4.01 5.76 7.34
CA GLN E 110 3.42 4.62 6.58
C GLN E 110 2.61 3.77 7.56
N GLU E 111 3.07 3.57 8.81
CA GLU E 111 2.34 2.74 9.81
C GLU E 111 1.05 3.47 10.18
N ARG E 112 1.13 4.79 10.42
CA ARG E 112 -0.03 5.56 10.93
C ARG E 112 -1.23 5.46 9.98
N GLN E 113 -0.93 5.26 8.69
CA GLN E 113 -1.97 5.29 7.62
C GLN E 113 -2.79 4.00 7.75
N ARG E 114 -2.37 3.05 8.58
N ARG E 114 -2.34 3.04 8.56
CA ARG E 114 -3.13 1.77 8.70
CA ARG E 114 -3.06 1.75 8.73
C ARG E 114 -4.10 1.86 9.88
C ARG E 114 -4.20 1.92 9.74
N TYR E 115 -4.28 3.08 10.40
CA TYR E 115 -5.19 3.29 11.55
C TYR E 115 -6.07 4.49 11.20
N ARG E 116 -7.27 4.53 11.78
CA ARG E 116 -8.25 5.63 11.53
C ARG E 116 -7.64 6.97 11.94
N SER F 2 40.61 21.68 19.01
CA SER F 2 40.92 20.23 18.88
C SER F 2 41.46 19.88 17.48
N ALA F 3 42.57 19.15 17.43
CA ALA F 3 43.15 18.50 16.23
C ALA F 3 42.16 17.43 15.76
N PRO F 4 42.05 17.18 14.44
CA PRO F 4 42.87 17.83 13.43
C PRO F 4 42.27 19.14 12.88
N HIS F 5 41.15 19.60 13.43
CA HIS F 5 40.36 20.73 12.89
C HIS F 5 41.08 22.07 13.09
N LEU F 6 41.63 22.18 14.30
CA LEU F 6 42.37 23.39 14.74
C LEU F 6 43.82 22.98 15.02
N ASP F 7 44.70 23.88 14.58
CA ASP F 7 46.16 23.72 14.84
C ASP F 7 46.53 24.54 16.08
N ASP F 8 46.63 23.80 17.19
CA ASP F 8 46.50 24.42 18.53
C ASP F 8 47.68 25.38 18.71
N ARG F 9 48.79 25.16 18.01
N ARG F 9 48.78 25.15 17.99
CA ARG F 9 49.92 26.09 18.26
CA ARG F 9 49.99 26.00 18.20
C ARG F 9 49.60 27.42 17.56
C ARG F 9 49.77 27.33 17.48
N VAL F 10 49.07 27.36 16.34
CA VAL F 10 48.71 28.61 15.58
C VAL F 10 47.90 29.46 16.56
N LEU F 11 46.90 28.87 17.21
CA LEU F 11 45.96 29.55 18.14
C LEU F 11 46.75 29.93 19.39
N ALA F 12 47.62 29.05 19.90
CA ALA F 12 48.29 29.42 21.17
C ALA F 12 49.17 30.64 20.95
N SER F 13 49.89 30.68 19.81
CA SER F 13 50.66 31.91 19.48
C SER F 13 49.75 33.14 19.39
N LEU F 14 48.64 33.01 18.66
CA LEU F 14 47.70 34.16 18.52
C LEU F 14 47.12 34.66 19.85
N GLN F 15 46.82 33.71 20.73
CA GLN F 15 46.26 34.10 22.04
C GLN F 15 47.32 34.83 22.88
N GLU F 16 48.55 34.31 22.79
CA GLU F 16 49.67 34.95 23.53
C GLU F 16 49.80 36.40 23.03
N VAL F 17 49.89 36.61 21.71
CA VAL F 17 50.10 37.97 21.13
C VAL F 17 48.87 38.81 21.51
N MET F 18 47.68 38.29 21.22
CA MET F 18 46.48 39.17 21.10
C MET F 18 45.85 39.46 22.46
N GLU F 19 46.11 38.61 23.47
CA GLU F 19 45.55 38.87 24.82
C GLU F 19 44.04 39.14 24.79
N ASP F 20 43.63 40.37 25.12
N ASP F 20 43.46 40.24 25.27
CA ASP F 20 42.19 40.68 25.35
CA ASP F 20 41.98 40.38 25.34
C ASP F 20 41.44 40.62 24.03
C ASP F 20 41.37 40.76 23.99
N GLU F 21 42.17 40.80 22.92
CA GLU F 21 41.55 40.89 21.57
C GLU F 21 41.23 39.46 21.12
N TYR F 22 41.87 38.43 21.67
CA TYR F 22 41.73 37.05 21.16
C TYR F 22 40.27 36.63 21.12
N PRO F 23 39.46 36.82 22.19
CA PRO F 23 38.05 36.45 22.08
C PRO F 23 37.24 37.22 21.03
N VAL F 24 37.61 38.47 20.73
CA VAL F 24 37.00 39.25 19.61
C VAL F 24 37.32 38.55 18.29
N LEU F 25 38.57 38.08 18.12
CA LEU F 25 38.99 37.41 16.85
C LEU F 25 38.12 36.16 16.69
N LEU F 26 37.86 35.43 17.78
CA LEU F 26 37.08 34.18 17.59
C LEU F 26 35.69 34.60 17.09
N ASP F 27 35.07 35.61 17.70
CA ASP F 27 33.70 36.06 17.37
C ASP F 27 33.69 36.54 15.92
N THR F 28 34.72 37.31 15.54
N THR F 28 34.61 37.42 15.49
CA THR F 28 34.74 37.91 14.18
CA THR F 28 34.59 37.94 14.10
C THR F 28 34.94 36.83 13.12
C THR F 28 34.96 36.84 13.09
N PHE F 29 35.75 35.83 13.44
CA PHE F 29 36.03 34.71 12.50
C PHE F 29 34.68 34.04 12.17
N VAL F 30 33.88 33.85 13.23
CA VAL F 30 32.57 33.17 13.02
C VAL F 30 31.73 33.98 12.04
N LEU F 31 31.50 35.26 12.33
CA LEU F 31 30.65 36.16 11.50
C LEU F 31 31.28 36.28 10.11
N ASP F 32 32.60 36.51 9.95
CA ASP F 32 33.17 36.72 8.60
C ASP F 32 32.97 35.42 7.81
N SER F 33 33.19 34.23 8.42
CA SER F 33 33.12 32.93 7.72
C SER F 33 31.65 32.70 7.34
N GLU F 34 30.67 33.01 8.19
CA GLU F 34 29.23 32.83 7.83
C GLU F 34 28.93 33.73 6.62
N GLU F 35 29.42 34.96 6.56
N GLU F 35 29.47 34.94 6.56
CA GLU F 35 29.23 35.82 5.37
CA GLU F 35 29.27 35.82 5.39
C GLU F 35 29.89 35.17 4.15
C GLU F 35 29.90 35.18 4.15
N ARG F 36 31.13 34.66 4.26
CA ARG F 36 31.84 34.03 3.12
C ARG F 36 30.99 32.86 2.62
N LEU F 37 30.48 32.03 3.53
CA LEU F 37 29.66 30.87 3.09
C LEU F 37 28.42 31.37 2.32
N ARG F 38 27.72 32.38 2.85
CA ARG F 38 26.55 32.94 2.14
C ARG F 38 26.99 33.42 0.76
N SER F 39 28.18 34.03 0.64
N SER F 39 28.16 34.08 0.68
CA SER F 39 28.67 34.52 -0.68
CA SER F 39 28.70 34.53 -0.63
C SER F 39 28.97 33.38 -1.64
C SER F 39 28.87 33.34 -1.58
N LEU F 40 29.56 32.28 -1.15
CA LEU F 40 29.82 31.04 -1.93
C LEU F 40 28.51 30.45 -2.43
N HIS F 41 27.52 30.32 -1.54
CA HIS F 41 26.26 29.74 -2.08
C HIS F 41 25.63 30.65 -3.15
N ALA F 42 25.77 31.98 -3.03
CA ALA F 42 25.17 32.92 -4.00
C ALA F 42 25.96 32.72 -5.29
N ALA F 43 27.29 32.64 -5.24
CA ALA F 43 28.14 32.52 -6.45
C ALA F 43 27.84 31.17 -7.11
N LEU F 44 27.63 30.10 -6.33
CA LEU F 44 27.33 28.75 -6.87
C LEU F 44 25.98 28.85 -7.61
N GLN F 45 24.99 29.57 -7.08
N GLN F 45 24.95 29.48 -7.03
CA GLN F 45 23.62 29.60 -7.67
CA GLN F 45 23.62 29.62 -7.69
C GLN F 45 23.68 30.45 -8.95
C GLN F 45 23.91 30.25 -9.05
N ALA F 46 24.66 31.36 -9.03
CA ALA F 46 24.79 32.25 -10.19
C ALA F 46 25.69 31.59 -11.24
N GLY F 47 26.41 30.50 -10.97
CA GLY F 47 27.46 29.81 -11.76
C GLY F 47 28.57 30.82 -12.03
N ASP F 48 28.95 31.56 -10.98
CA ASP F 48 30.04 32.57 -11.06
C ASP F 48 31.40 32.02 -10.61
N ALA F 49 32.22 31.47 -11.50
CA ALA F 49 33.50 30.79 -11.22
C ALA F 49 34.41 31.84 -10.55
N GLN F 50 34.47 33.10 -10.99
N GLN F 50 34.34 33.08 -11.06
CA GLN F 50 35.53 34.02 -10.49
CA GLN F 50 35.28 34.15 -10.67
C GLN F 50 35.12 34.51 -9.09
C GLN F 50 35.09 34.31 -9.16
N ALA F 51 33.82 34.50 -8.77
CA ALA F 51 33.36 34.88 -7.42
C ALA F 51 33.68 33.69 -6.50
N LEU F 52 33.42 32.46 -6.94
CA LEU F 52 33.83 31.26 -6.15
C LEU F 52 35.33 31.25 -5.84
N ARG F 53 36.10 31.68 -6.85
N ARG F 53 36.16 31.44 -6.87
CA ARG F 53 37.58 31.73 -6.66
CA ARG F 53 37.64 31.43 -6.69
C ARG F 53 37.90 32.84 -5.67
C ARG F 53 38.13 32.43 -5.63
N HIS F 54 37.37 34.05 -5.92
N HIS F 54 37.63 33.67 -5.72
CA HIS F 54 37.78 35.19 -5.06
CA HIS F 54 38.09 34.88 -4.98
C HIS F 54 37.56 34.80 -3.59
C HIS F 54 37.52 34.92 -3.56
N THR F 55 36.29 34.42 -3.39
CA THR F 55 35.80 34.23 -2.01
C THR F 55 36.54 33.03 -1.40
N ALA F 56 36.72 31.91 -2.10
CA ALA F 56 37.48 30.75 -1.57
C ALA F 56 38.87 31.21 -1.11
N HIS F 57 39.48 32.02 -1.97
CA HIS F 57 40.85 32.50 -1.63
C HIS F 57 40.86 33.27 -0.31
N SER F 58 39.91 34.19 -0.14
CA SER F 58 39.82 35.05 1.07
C SER F 58 39.52 34.17 2.29
N PHE F 59 38.60 33.22 2.09
CA PHE F 59 38.25 32.31 3.21
C PHE F 59 39.44 31.44 3.61
N LYS F 60 40.27 30.97 2.67
CA LYS F 60 41.48 30.14 2.91
C LYS F 60 42.42 30.95 3.82
N GLY F 61 42.58 32.22 3.48
CA GLY F 61 43.47 33.02 4.33
C GLY F 61 42.91 33.23 5.73
N GLY F 62 41.66 33.66 5.87
CA GLY F 62 41.02 33.91 7.17
C GLY F 62 41.10 32.61 7.97
N SER F 63 40.82 31.46 7.37
CA SER F 63 40.85 30.13 8.05
C SER F 63 42.26 29.85 8.57
N SER F 64 43.26 30.07 7.70
CA SER F 64 44.66 29.72 8.03
C SER F 64 45.04 30.63 9.22
N ASN F 65 44.61 31.90 9.22
CA ASN F 65 45.09 32.89 10.23
C ASN F 65 44.51 32.47 11.59
N MET F 66 43.36 31.80 11.61
CA MET F 66 42.72 31.32 12.87
C MET F 66 42.92 29.83 13.12
N GLY F 67 43.90 29.17 12.50
CA GLY F 67 44.31 27.76 12.73
C GLY F 67 43.23 26.76 12.34
N ALA F 68 42.34 27.19 11.43
CA ALA F 68 41.31 26.24 10.97
C ALA F 68 41.85 25.57 9.69
N VAL F 69 42.79 24.64 9.90
N VAL F 69 42.76 24.60 9.83
CA VAL F 69 43.71 24.06 8.87
CA VAL F 69 43.67 24.20 8.72
C VAL F 69 42.84 23.35 7.84
C VAL F 69 42.93 23.23 7.79
N LEU F 70 42.02 22.38 8.30
CA LEU F 70 41.27 21.50 7.37
C LEU F 70 40.33 22.38 6.54
N LEU F 71 39.63 23.34 7.15
CA LEU F 71 38.70 24.29 6.48
C LEU F 71 39.50 25.07 5.42
N ALA F 72 40.72 25.51 5.74
CA ALA F 72 41.56 26.25 4.78
C ALA F 72 41.85 25.35 3.56
N GLY F 73 42.13 24.07 3.79
CA GLY F 73 42.40 23.09 2.72
C GLY F 73 41.22 22.92 1.78
N TYR F 74 39.99 22.88 2.32
CA TYR F 74 38.82 22.82 1.41
C TYR F 74 38.70 24.11 0.60
N CYS F 75 38.97 25.25 1.25
CA CYS F 75 38.89 26.58 0.60
C CYS F 75 39.86 26.56 -0.59
N LYS F 76 41.06 26.06 -0.30
CA LYS F 76 42.14 25.97 -1.33
C LYS F 76 41.70 25.10 -2.51
N GLU F 77 41.08 23.95 -2.25
CA GLU F 77 40.55 23.08 -3.34
C GLU F 77 39.51 23.84 -4.17
N LEU F 78 38.63 24.60 -3.51
CA LEU F 78 37.56 25.37 -4.21
C LEU F 78 38.20 26.46 -5.07
N GLU F 79 39.16 27.19 -4.50
CA GLU F 79 39.83 28.30 -5.25
C GLU F 79 40.45 27.65 -6.49
N GLU F 80 41.21 26.57 -6.37
CA GLU F 80 42.00 25.97 -7.48
C GLU F 80 41.00 25.49 -8.54
N SER F 81 39.97 24.76 -8.10
CA SER F 81 39.08 24.13 -9.10
C SER F 81 38.27 25.23 -9.78
N ALA F 82 37.86 26.32 -9.11
CA ALA F 82 37.12 27.44 -9.71
C ALA F 82 38.01 28.14 -10.75
N ARG F 83 39.26 28.40 -10.34
N ARG F 83 39.29 28.27 -10.37
CA ARG F 83 40.16 29.08 -11.31
CA ARG F 83 40.29 28.98 -11.22
C ARG F 83 40.19 28.24 -12.60
C ARG F 83 40.44 28.23 -12.56
N ARG F 84 40.26 26.91 -12.50
CA ARG F 84 40.39 26.00 -13.67
C ARG F 84 39.06 25.94 -14.41
N GLY F 85 37.97 26.51 -13.88
CA GLY F 85 36.64 26.26 -14.47
C GLY F 85 36.02 24.90 -14.16
N GLU F 86 36.54 24.09 -13.23
CA GLU F 86 36.08 22.74 -12.84
C GLU F 86 35.04 22.88 -11.72
N LEU F 87 33.84 23.27 -12.17
CA LEU F 87 32.77 23.62 -11.19
C LEU F 87 32.00 22.38 -10.73
N GLN F 88 32.16 21.21 -11.34
N GLN F 88 32.25 21.18 -11.24
CA GLN F 88 31.44 20.00 -10.87
CA GLN F 88 31.46 19.98 -10.86
C GLN F 88 31.69 19.83 -9.37
C GLN F 88 31.81 19.55 -9.42
N ARG F 89 32.92 20.06 -8.89
CA ARG F 89 33.25 19.78 -7.46
C ARG F 89 32.71 20.88 -6.55
N ALA F 90 32.23 22.04 -7.01
CA ALA F 90 31.95 23.22 -6.16
C ALA F 90 30.84 22.89 -5.15
N PRO F 91 29.72 22.27 -5.56
CA PRO F 91 28.68 22.02 -4.56
C PRO F 91 29.19 21.18 -3.38
N ALA F 92 29.90 20.09 -3.66
CA ALA F 92 30.40 19.15 -2.64
C ALA F 92 31.45 19.86 -1.78
N LEU F 93 32.33 20.67 -2.40
CA LEU F 93 33.38 21.33 -1.57
C LEU F 93 32.67 22.29 -0.61
N ILE F 94 31.68 23.04 -1.08
CA ILE F 94 30.91 24.00 -0.23
C ILE F 94 30.27 23.25 0.95
N GLU F 95 29.68 22.10 0.62
CA GLU F 95 29.04 21.33 1.72
C GLU F 95 30.12 20.87 2.70
N GLN F 96 31.30 20.43 2.25
CA GLN F 96 32.42 20.01 3.13
C GLN F 96 32.82 21.21 4.00
N MET F 97 32.98 22.35 3.32
N MET F 97 32.77 22.44 3.47
CA MET F 97 33.25 23.58 4.12
CA MET F 97 33.15 23.69 4.17
C MET F 97 32.17 23.83 5.18
C MET F 97 32.12 24.05 5.26
N GLU F 98 30.86 23.75 4.90
CA GLU F 98 29.81 23.97 5.93
C GLU F 98 30.01 22.98 7.06
N ARG F 99 30.29 21.71 6.77
N ARG F 99 30.29 21.70 6.76
CA ARG F 99 30.42 20.67 7.82
CA ARG F 99 30.40 20.68 7.83
C ARG F 99 31.64 20.94 8.70
C ARG F 99 31.63 20.98 8.71
N GLU F 100 32.76 21.31 8.06
CA GLU F 100 33.99 21.64 8.82
C GLU F 100 33.86 22.93 9.63
N PHE F 101 33.31 23.97 8.99
CA PHE F 101 33.02 25.27 9.64
C PHE F 101 32.12 25.03 10.86
N ALA F 102 31.18 24.07 10.81
CA ALA F 102 30.32 23.86 11.98
C ALA F 102 31.15 23.39 13.18
N ILE F 103 32.20 22.61 12.91
CA ILE F 103 33.11 22.08 13.96
C ILE F 103 33.79 23.32 14.54
N VAL F 104 34.51 23.98 13.63
CA VAL F 104 35.32 25.15 14.10
C VAL F 104 34.44 26.13 14.88
N ARG F 105 33.20 26.42 14.45
CA ARG F 105 32.26 27.35 15.09
C ARG F 105 32.06 26.80 16.50
N ILE F 106 31.66 25.54 16.69
CA ILE F 106 31.26 25.22 18.10
C ILE F 106 32.53 25.24 18.96
N LEU F 107 33.68 24.80 18.46
CA LEU F 107 34.96 24.87 19.23
C LEU F 107 35.15 26.35 19.59
N PHE F 108 35.02 27.25 18.61
CA PHE F 108 35.25 28.68 18.93
C PHE F 108 34.23 29.23 19.93
N LYS F 109 32.95 28.81 19.89
CA LYS F 109 31.94 29.23 20.89
C LYS F 109 32.40 28.72 22.25
N GLN F 110 32.86 27.46 22.29
N GLN F 110 32.94 27.49 22.31
CA GLN F 110 33.33 26.97 23.62
CA GLN F 110 33.34 26.88 23.60
C GLN F 110 34.46 27.86 24.11
C GLN F 110 34.64 27.47 24.17
N GLU F 111 35.50 27.97 23.27
CA GLU F 111 36.74 28.68 23.69
C GLU F 111 36.25 30.07 24.11
N ARG F 112 35.38 30.80 23.40
CA ARG F 112 34.92 32.18 23.67
C ARG F 112 34.34 32.28 25.08
N GLN F 113 33.68 31.21 25.53
CA GLN F 113 33.06 31.17 26.88
C GLN F 113 34.13 31.18 27.97
N ARG F 114 35.36 30.72 27.72
N ARG F 114 35.39 30.84 27.70
CA ARG F 114 36.44 30.76 28.74
CA ARG F 114 36.50 30.77 28.70
C ARG F 114 36.63 32.20 29.19
C ARG F 114 37.04 32.18 28.96
N TYR F 115 36.43 33.16 28.29
CA TYR F 115 36.80 34.60 28.42
C TYR F 115 35.65 35.50 28.91
N ARG F 116 35.91 36.61 29.60
CA ARG F 116 35.03 37.77 29.86
C ARG F 116 34.64 37.86 31.34
#